data_7UMO
#
_entry.id   7UMO
#
_cell.length_a   75.820
_cell.length_b   78.130
_cell.length_c   187.070
_cell.angle_alpha   90.000
_cell.angle_beta   90.000
_cell.angle_gamma   90.000
#
_symmetry.space_group_name_H-M   'P 21 21 21'
#
loop_
_entity.id
_entity.type
_entity.pdbx_description
1 polymer 'Protein unc-119 homolog A'
2 non-polymer (3s,5s,7s)-N-(4,5-dichloropyridin-2-yl)adamantane-1-carboxamide
3 non-polymer GLYCEROL
4 water water
#
_entity_poly.entity_id   1
_entity_poly.type   'polypeptide(L)'
_entity_poly.pdbx_seq_one_letter_code
;MGSSHHHHHHSSKQPIGPEDVLGLQRITGDYLCSPEENIYKIDFVRFKIRDMDSGTVLFEIKKPPVSERLPINRRDLDPN
AGRFVRYQFTPAFLRLRQVGATVEFTVGDKPVNNFRMIERHYFRNQLLKSFDFHFGFCIPSSKNTCEHIYDFPPLSEELI
SEMIRHPYETQSDSFYFVDDRLVMHNKADYSYSGTP
;
_entity_poly.pdbx_strand_id   A,B,C,D,E,F
#
loop_
_chem_comp.id
_chem_comp.type
_chem_comp.name
_chem_comp.formula
GOL non-polymer GLYCEROL 'C3 H8 O3'
NT6 non-polymer (3s,5s,7s)-N-(4,5-dichloropyridin-2-yl)adamantane-1-carboxamide 'C16 H18 Cl2 N2 O'
#
# COMPACT_ATOMS: atom_id res chain seq x y z
N PRO A 15 14.65 -15.33 -11.37
CA PRO A 15 13.50 -15.42 -12.27
C PRO A 15 12.46 -14.34 -12.00
N ILE A 16 12.33 -13.38 -12.93
CA ILE A 16 11.38 -12.29 -12.78
C ILE A 16 10.07 -12.67 -13.48
N GLY A 17 8.96 -12.48 -12.77
CA GLY A 17 7.65 -12.76 -13.31
C GLY A 17 6.83 -11.49 -13.34
N PRO A 18 5.65 -11.53 -13.99
CA PRO A 18 4.82 -10.32 -14.06
C PRO A 18 4.49 -9.72 -12.70
N GLU A 19 4.20 -10.56 -11.70
CA GLU A 19 3.89 -10.03 -10.38
C GLU A 19 5.05 -9.28 -9.76
N ASP A 20 6.27 -9.50 -10.23
CA ASP A 20 7.44 -8.81 -9.71
C ASP A 20 7.58 -7.38 -10.23
N VAL A 21 6.85 -7.02 -11.28
CA VAL A 21 6.90 -5.67 -11.84
C VAL A 21 5.58 -4.94 -11.73
N LEU A 22 4.47 -5.64 -11.47
CA LEU A 22 3.16 -5.01 -11.40
C LEU A 22 3.00 -4.04 -10.24
N GLY A 23 3.92 -4.05 -9.27
CA GLY A 23 3.81 -3.13 -8.15
C GLY A 23 4.99 -2.20 -7.99
N LEU A 24 5.91 -2.20 -8.97
CA LEU A 24 7.07 -1.35 -8.90
C LEU A 24 6.65 0.12 -8.90
N GLN A 25 7.20 0.90 -7.96
CA GLN A 25 6.90 2.31 -7.83
C GLN A 25 8.04 3.19 -8.32
N ARG A 26 9.06 2.60 -8.93
CA ARG A 26 10.21 3.35 -9.43
C ARG A 26 10.73 2.68 -10.69
N ILE A 27 11.42 3.49 -11.49
CA ILE A 27 12.05 2.96 -12.69
C ILE A 27 13.18 2.05 -12.22
N THR A 28 13.46 0.98 -12.97
CA THR A 28 14.52 0.07 -12.53
C THR A 28 15.89 0.72 -12.74
N GLY A 29 16.80 0.41 -11.83
CA GLY A 29 18.14 0.95 -11.96
C GLY A 29 18.98 0.29 -13.02
N ASP A 30 18.55 -0.87 -13.53
CA ASP A 30 19.30 -1.60 -14.54
C ASP A 30 18.33 -2.46 -15.32
N TYR A 31 18.85 -3.14 -16.35
CA TYR A 31 18.03 -4.04 -17.16
C TYR A 31 17.85 -5.35 -16.38
N LEU A 32 16.60 -5.73 -16.16
CA LEU A 32 16.28 -6.94 -15.41
C LEU A 32 16.62 -8.23 -16.15
N CYS A 33 16.97 -8.16 -17.43
CA CYS A 33 17.31 -9.37 -18.18
C CYS A 33 18.30 -9.01 -19.26
N SER A 34 19.10 -9.99 -19.66
CA SER A 34 20.10 -9.80 -20.70
C SER A 34 19.48 -10.00 -22.07
N PRO A 35 20.15 -9.52 -23.13
CA PRO A 35 19.59 -9.73 -24.48
C PRO A 35 19.47 -11.20 -24.84
N GLU A 36 20.36 -12.05 -24.32
CA GLU A 36 20.33 -13.47 -24.62
C GLU A 36 19.12 -14.17 -24.02
N GLU A 37 18.42 -13.54 -23.07
CA GLU A 37 17.24 -14.17 -22.49
C GLU A 37 16.05 -14.11 -23.42
N ASN A 38 16.17 -13.39 -24.54
CA ASN A 38 15.12 -13.29 -25.56
C ASN A 38 15.23 -14.54 -26.43
N ILE A 39 14.95 -15.69 -25.81
CA ILE A 39 15.04 -16.98 -26.46
C ILE A 39 14.01 -17.19 -27.55
N TYR A 40 13.06 -16.28 -27.70
CA TYR A 40 12.05 -16.39 -28.75
C TYR A 40 12.39 -15.57 -29.97
N LYS A 41 13.56 -14.92 -29.98
CA LYS A 41 14.04 -14.10 -31.09
C LYS A 41 12.99 -13.07 -31.51
N ILE A 42 12.41 -12.40 -30.51
CA ILE A 42 11.42 -11.37 -30.75
C ILE A 42 12.15 -10.09 -31.14
N ASP A 43 11.83 -9.54 -32.30
CA ASP A 43 12.48 -8.34 -32.81
C ASP A 43 11.45 -7.34 -33.31
N PHE A 44 11.33 -6.21 -32.63
CA PHE A 44 10.40 -5.16 -33.05
C PHE A 44 11.02 -4.43 -34.24
N VAL A 45 10.34 -4.48 -35.38
CA VAL A 45 10.85 -3.85 -36.60
C VAL A 45 10.13 -2.57 -36.99
N ARG A 46 9.00 -2.25 -36.36
CA ARG A 46 8.29 -1.02 -36.72
C ARG A 46 7.35 -0.63 -35.59
N PHE A 47 7.26 0.68 -35.34
CA PHE A 47 6.42 1.23 -34.30
C PHE A 47 5.75 2.51 -34.81
N LYS A 48 4.44 2.60 -34.63
CA LYS A 48 3.67 3.75 -35.08
C LYS A 48 2.64 4.12 -34.02
N ILE A 49 2.60 5.41 -33.67
CA ILE A 49 1.69 5.94 -32.65
C ILE A 49 0.72 6.91 -33.32
N ARG A 50 -0.57 6.67 -33.13
N ARG A 50 -0.57 6.68 -33.13
CA ARG A 50 -1.63 7.49 -33.70
CA ARG A 50 -1.58 7.56 -33.70
C ARG A 50 -2.58 7.97 -32.61
C ARG A 50 -2.54 7.99 -32.60
N ASP A 51 -2.98 9.24 -32.69
CA ASP A 51 -3.91 9.82 -31.74
C ASP A 51 -5.30 9.35 -32.15
N MET A 52 -5.97 8.59 -31.26
CA MET A 52 -7.29 8.06 -31.60
C MET A 52 -8.37 9.12 -31.73
N ASP A 53 -8.15 10.35 -31.25
CA ASP A 53 -9.14 11.40 -31.36
C ASP A 53 -8.91 12.34 -32.54
N SER A 54 -7.81 12.17 -33.28
CA SER A 54 -7.54 13.03 -34.43
C SER A 54 -6.98 12.28 -35.62
N GLY A 55 -6.52 11.05 -35.47
CA GLY A 55 -5.92 10.32 -36.57
C GLY A 55 -4.50 10.74 -36.86
N THR A 56 -3.97 11.70 -36.12
CA THR A 56 -2.61 12.20 -36.34
C THR A 56 -1.56 11.17 -35.95
N VAL A 57 -0.61 10.94 -36.84
CA VAL A 57 0.49 10.01 -36.59
C VAL A 57 1.51 10.78 -35.76
N LEU A 58 1.51 10.54 -34.45
CA LEU A 58 2.41 11.24 -33.53
C LEU A 58 3.85 10.75 -33.59
N PHE A 59 4.09 9.56 -34.13
CA PHE A 59 5.45 9.04 -34.18
C PHE A 59 5.46 7.78 -35.03
N GLU A 60 6.52 7.63 -35.83
CA GLU A 60 6.69 6.46 -36.68
C GLU A 60 8.18 6.16 -36.83
N ILE A 61 8.53 4.88 -36.73
CA ILE A 61 9.92 4.45 -36.87
C ILE A 61 9.93 3.07 -37.51
N LYS A 62 10.92 2.83 -38.34
CA LYS A 62 11.10 1.56 -39.03
C LYS A 62 12.54 1.12 -38.84
N LYS A 63 12.75 -0.02 -38.22
CA LYS A 63 14.10 -0.53 -38.00
C LYS A 63 14.74 -0.86 -39.34
N PRO A 64 16.01 -0.45 -39.57
CA PRO A 64 16.63 -0.76 -40.86
C PRO A 64 17.18 -2.18 -40.91
N LEU A 77 30.29 -1.46 -29.28
CA LEU A 77 28.97 -2.03 -29.02
C LEU A 77 28.29 -1.33 -27.84
N ASP A 78 27.21 -0.62 -28.14
CA ASP A 78 26.45 0.10 -27.11
C ASP A 78 25.83 -0.88 -26.14
N PRO A 79 26.08 -0.77 -24.83
CA PRO A 79 25.48 -1.71 -23.89
C PRO A 79 23.96 -1.72 -23.96
N ASN A 80 23.35 -0.58 -24.28
CA ASN A 80 21.89 -0.56 -24.42
C ASN A 80 21.48 -1.52 -25.53
N ALA A 81 22.18 -1.46 -26.66
CA ALA A 81 21.97 -2.35 -27.81
C ALA A 81 20.51 -2.39 -28.28
N GLY A 82 20.00 -1.21 -28.65
CA GLY A 82 18.63 -1.13 -29.14
C GLY A 82 17.55 -1.29 -28.09
N ARG A 83 17.91 -1.25 -26.81
CA ARG A 83 16.93 -1.39 -25.74
C ARG A 83 16.49 -0.06 -25.17
N PHE A 84 17.14 1.03 -25.56
CA PHE A 84 16.78 2.36 -25.07
C PHE A 84 16.36 3.24 -26.24
N VAL A 85 15.22 3.92 -26.07
CA VAL A 85 14.68 4.83 -27.07
C VAL A 85 14.35 6.13 -26.37
N ARG A 86 14.58 7.25 -27.05
CA ARG A 86 14.27 8.58 -26.53
C ARG A 86 13.18 9.18 -27.40
N TYR A 87 12.08 9.58 -26.79
CA TYR A 87 10.96 10.15 -27.52
C TYR A 87 10.87 11.65 -27.27
N GLN A 88 10.40 12.37 -28.29
CA GLN A 88 10.23 13.81 -28.23
C GLN A 88 8.83 14.11 -28.72
N PHE A 89 7.92 14.42 -27.79
CA PHE A 89 6.53 14.72 -28.06
C PHE A 89 6.25 16.18 -27.73
N THR A 90 5.02 16.60 -28.01
CA THR A 90 4.53 17.94 -27.77
C THR A 90 3.81 18.02 -26.44
N PRO A 91 3.60 19.22 -25.90
CA PRO A 91 2.88 19.31 -24.63
C PRO A 91 1.46 18.77 -24.73
N ALA A 92 0.85 18.84 -25.92
CA ALA A 92 -0.50 18.33 -26.11
C ALA A 92 -0.57 16.82 -25.91
N PHE A 93 0.56 16.12 -26.05
CA PHE A 93 0.57 14.68 -25.85
C PHE A 93 0.09 14.30 -24.46
N LEU A 94 0.43 15.12 -23.46
CA LEU A 94 0.03 14.84 -22.08
C LEU A 94 -1.48 14.99 -21.84
N ARG A 95 -2.21 15.60 -22.75
CA ARG A 95 -3.65 15.76 -22.59
C ARG A 95 -4.45 14.84 -23.50
N LEU A 96 -3.76 13.94 -24.21
CA LEU A 96 -4.45 13.01 -25.09
C LEU A 96 -5.29 12.04 -24.27
N ARG A 97 -6.39 11.60 -24.87
CA ARG A 97 -7.25 10.65 -24.19
C ARG A 97 -6.85 9.22 -24.51
N GLN A 98 -6.54 8.94 -25.77
CA GLN A 98 -6.19 7.59 -26.17
C GLN A 98 -5.34 7.62 -27.43
N VAL A 99 -4.30 6.79 -27.45
CA VAL A 99 -3.42 6.68 -28.60
C VAL A 99 -3.38 5.22 -29.02
N GLY A 100 -3.18 4.99 -30.31
CA GLY A 100 -3.11 3.66 -30.87
C GLY A 100 -1.68 3.39 -31.32
N ALA A 101 -1.14 2.26 -30.88
CA ALA A 101 0.21 1.86 -31.22
C ALA A 101 0.17 0.63 -32.11
N THR A 102 0.76 0.75 -33.30
CA THR A 102 0.87 -0.34 -34.25
C THR A 102 2.30 -0.84 -34.14
N VAL A 103 2.47 -2.12 -33.82
CA VAL A 103 3.79 -2.70 -33.61
C VAL A 103 3.98 -3.88 -34.55
N GLU A 104 5.09 -3.87 -35.28
CA GLU A 104 5.45 -4.94 -36.19
C GLU A 104 6.66 -5.64 -35.57
N PHE A 105 6.64 -6.96 -35.52
CA PHE A 105 7.75 -7.67 -34.92
C PHE A 105 7.83 -9.08 -35.48
N THR A 106 9.06 -9.55 -35.60
CA THR A 106 9.33 -10.90 -36.07
C THR A 106 9.51 -11.81 -34.85
N VAL A 107 9.20 -13.09 -35.04
CA VAL A 107 9.31 -14.09 -34.00
C VAL A 107 10.14 -15.24 -34.55
N GLY A 108 10.83 -15.94 -33.66
CA GLY A 108 11.66 -17.06 -34.04
C GLY A 108 10.84 -18.32 -34.28
N ASP A 109 11.55 -19.46 -34.32
CA ASP A 109 10.89 -20.74 -34.55
C ASP A 109 10.12 -21.20 -33.33
N LYS A 110 10.62 -20.91 -32.13
CA LYS A 110 9.94 -21.33 -30.91
C LYS A 110 8.55 -20.72 -30.84
N PRO A 111 7.51 -21.50 -30.54
CA PRO A 111 6.17 -20.93 -30.44
C PRO A 111 6.09 -19.98 -29.25
N VAL A 112 5.31 -18.92 -29.42
CA VAL A 112 5.14 -17.92 -28.38
C VAL A 112 3.68 -17.94 -27.92
N ASN A 113 3.48 -18.24 -26.64
CA ASN A 113 2.16 -18.28 -26.05
C ASN A 113 2.15 -17.38 -24.83
N ASN A 114 1.03 -16.70 -24.61
CA ASN A 114 0.88 -15.80 -23.47
C ASN A 114 1.97 -14.71 -23.51
N PHE A 115 2.10 -14.07 -24.67
CA PHE A 115 3.05 -12.98 -24.85
C PHE A 115 2.44 -11.75 -24.18
N ARG A 116 3.13 -11.20 -23.19
CA ARG A 116 2.61 -10.09 -22.43
C ARG A 116 3.65 -8.98 -22.29
N MET A 117 3.15 -7.74 -22.25
CA MET A 117 3.99 -6.56 -22.10
C MET A 117 3.41 -5.67 -21.02
N ILE A 118 4.23 -5.34 -20.03
CA ILE A 118 3.86 -4.45 -18.95
C ILE A 118 4.79 -3.26 -19.07
N GLU A 119 4.23 -2.11 -19.42
CA GLU A 119 4.97 -0.87 -19.62
C GLU A 119 4.59 0.11 -18.53
N ARG A 120 5.57 0.51 -17.71
CA ARG A 120 5.34 1.41 -16.60
C ARG A 120 6.06 2.72 -16.82
N HIS A 121 5.32 3.83 -16.67
CA HIS A 121 5.85 5.16 -16.85
C HIS A 121 5.97 5.86 -15.52
N TYR A 122 7.11 6.53 -15.32
CA TYR A 122 7.39 7.26 -14.10
C TYR A 122 7.93 8.65 -14.39
N PHE A 123 7.70 9.54 -13.44
CA PHE A 123 8.21 10.90 -13.51
C PHE A 123 8.75 11.21 -12.13
N ARG A 124 10.05 11.47 -12.05
CA ARG A 124 10.70 11.77 -10.77
C ARG A 124 10.33 10.74 -9.70
N ASN A 125 10.56 9.47 -10.03
CA ASN A 125 10.29 8.33 -9.15
C ASN A 125 8.82 8.17 -8.78
N GLN A 126 7.91 8.80 -9.50
CA GLN A 126 6.49 8.69 -9.21
C GLN A 126 5.82 7.92 -10.32
N LEU A 127 5.23 6.77 -9.99
CA LEU A 127 4.54 6.00 -11.01
C LEU A 127 3.41 6.83 -11.57
N LEU A 128 3.32 6.89 -12.90
CA LEU A 128 2.26 7.64 -13.56
C LEU A 128 1.23 6.74 -14.19
N LYS A 129 1.67 5.64 -14.81
CA LYS A 129 0.75 4.73 -15.46
C LYS A 129 1.47 3.46 -15.85
N SER A 130 0.76 2.35 -15.72
CA SER A 130 1.26 1.04 -16.10
C SER A 130 0.27 0.50 -17.12
N PHE A 131 0.79 -0.04 -18.22
CA PHE A 131 -0.04 -0.61 -19.27
C PHE A 131 0.26 -2.10 -19.35
N ASP A 132 -0.78 -2.91 -19.19
CA ASP A 132 -0.69 -4.36 -19.24
C ASP A 132 -1.34 -4.78 -20.54
N PHE A 133 -0.53 -5.15 -21.53
CA PHE A 133 -1.01 -5.56 -22.84
C PHE A 133 -0.72 -7.02 -23.08
N HIS A 134 -1.70 -7.72 -23.64
CA HIS A 134 -1.60 -9.14 -23.97
C HIS A 134 -1.60 -9.25 -25.49
N PHE A 135 -0.50 -9.74 -26.03
CA PHE A 135 -0.41 -9.88 -27.48
C PHE A 135 -1.36 -10.97 -27.95
N GLY A 136 -1.89 -10.80 -29.15
CA GLY A 136 -2.79 -11.80 -29.70
C GLY A 136 -1.97 -12.99 -30.13
N PHE A 137 -2.51 -13.87 -30.97
CA PHE A 137 -1.73 -15.02 -31.40
C PHE A 137 -0.52 -14.55 -32.21
N CYS A 138 0.62 -15.19 -31.97
CA CYS A 138 1.85 -14.86 -32.66
C CYS A 138 2.19 -15.97 -33.63
N ILE A 139 2.28 -15.64 -34.91
CA ILE A 139 2.62 -16.61 -35.94
C ILE A 139 4.11 -16.88 -35.81
N PRO A 140 4.52 -18.11 -35.53
CA PRO A 140 5.95 -18.41 -35.39
C PRO A 140 6.70 -18.25 -36.70
N SER A 141 7.97 -17.85 -36.59
CA SER A 141 8.85 -17.67 -37.75
C SER A 141 8.22 -16.75 -38.78
N SER A 142 7.63 -15.65 -38.32
CA SER A 142 6.97 -14.75 -39.25
C SER A 142 6.91 -13.35 -38.66
N LYS A 143 6.44 -12.44 -39.49
CA LYS A 143 6.27 -11.04 -39.11
C LYS A 143 4.86 -10.89 -38.56
N ASN A 144 4.75 -10.30 -37.38
CA ASN A 144 3.47 -10.10 -36.73
C ASN A 144 3.19 -8.61 -36.55
N THR A 145 1.92 -8.27 -36.58
CA THR A 145 1.47 -6.89 -36.41
C THR A 145 0.41 -6.90 -35.33
N CYS A 146 0.53 -5.97 -34.39
CA CYS A 146 -0.40 -5.87 -33.28
C CYS A 146 -0.78 -4.42 -33.06
N GLU A 147 -1.96 -4.20 -32.50
CA GLU A 147 -2.45 -2.86 -32.20
C GLU A 147 -2.69 -2.75 -30.71
N HIS A 148 -2.00 -1.82 -30.06
CA HIS A 148 -2.11 -1.59 -28.63
C HIS A 148 -2.84 -0.27 -28.42
N ILE A 149 -3.89 -0.29 -27.60
CA ILE A 149 -4.69 0.88 -27.31
C ILE A 149 -4.30 1.40 -25.93
N TYR A 150 -3.67 2.56 -25.87
CA TYR A 150 -3.27 3.18 -24.62
C TYR A 150 -4.35 4.16 -24.20
N ASP A 151 -4.87 3.99 -22.99
CA ASP A 151 -5.87 4.89 -22.44
C ASP A 151 -5.13 5.74 -21.44
N PHE A 152 -4.95 7.00 -21.75
CA PHE A 152 -4.19 7.83 -20.85
C PHE A 152 -5.06 8.26 -19.66
N PRO A 153 -4.48 8.36 -18.48
CA PRO A 153 -5.22 8.82 -17.33
C PRO A 153 -5.11 10.34 -17.27
N PRO A 154 -6.12 11.03 -16.74
CA PRO A 154 -6.00 12.49 -16.64
C PRO A 154 -4.93 12.82 -15.62
N LEU A 155 -4.03 13.71 -15.99
CA LEU A 155 -2.95 14.11 -15.11
C LEU A 155 -3.27 15.46 -14.48
N SER A 156 -2.73 15.68 -13.28
CA SER A 156 -2.95 16.93 -12.59
C SER A 156 -2.20 18.04 -13.32
N GLU A 157 -2.72 19.26 -13.19
CA GLU A 157 -2.07 20.40 -13.85
C GLU A 157 -0.63 20.57 -13.35
N GLU A 158 -0.40 20.29 -12.06
CA GLU A 158 0.95 20.42 -11.52
C GLU A 158 1.90 19.41 -12.16
N LEU A 159 1.42 18.18 -12.35
CA LEU A 159 2.26 17.14 -12.95
C LEU A 159 2.56 17.46 -14.41
N ILE A 160 1.54 17.87 -15.17
CA ILE A 160 1.74 18.22 -16.57
C ILE A 160 2.77 19.34 -16.69
N SER A 161 2.65 20.35 -15.84
CA SER A 161 3.58 21.46 -15.86
C SER A 161 5.00 20.98 -15.60
N GLU A 162 5.17 20.14 -14.58
CA GLU A 162 6.49 19.63 -14.23
C GLU A 162 7.07 18.77 -15.36
N MET A 163 6.24 17.90 -15.96
CA MET A 163 6.73 17.05 -17.03
C MET A 163 7.15 17.86 -18.25
N ILE A 164 6.47 18.98 -18.51
CA ILE A 164 6.87 19.82 -19.63
C ILE A 164 8.17 20.54 -19.31
N ARG A 165 8.30 21.03 -18.07
CA ARG A 165 9.50 21.76 -17.66
C ARG A 165 10.72 20.86 -17.57
N HIS A 166 10.54 19.56 -17.32
CA HIS A 166 11.67 18.65 -17.13
C HIS A 166 11.69 17.56 -18.20
N PRO A 167 12.13 17.88 -19.41
CA PRO A 167 12.19 16.86 -20.45
C PRO A 167 13.17 15.76 -20.10
N TYR A 168 12.82 14.53 -20.50
CA TYR A 168 13.58 13.30 -20.32
C TYR A 168 13.58 12.80 -18.88
N GLU A 169 12.89 13.47 -17.96
CA GLU A 169 12.81 12.96 -16.60
C GLU A 169 11.63 11.99 -16.46
N THR A 170 10.82 11.89 -17.51
CA THR A 170 9.74 10.92 -17.57
C THR A 170 10.39 9.73 -18.23
N GLN A 171 10.33 8.58 -17.57
CA GLN A 171 10.97 7.37 -18.08
C GLN A 171 10.01 6.21 -17.99
N SER A 172 10.27 5.20 -18.82
CA SER A 172 9.43 4.03 -18.83
C SER A 172 10.24 2.74 -18.90
N ASP A 173 9.63 1.70 -18.35
CA ASP A 173 10.16 0.34 -18.35
C ASP A 173 9.14 -0.48 -19.10
N SER A 174 9.60 -1.26 -20.09
CA SER A 174 8.72 -2.12 -20.87
C SER A 174 9.20 -3.55 -20.64
N PHE A 175 8.44 -4.30 -19.84
CA PHE A 175 8.76 -5.68 -19.50
C PHE A 175 7.95 -6.61 -20.39
N TYR A 176 8.62 -7.48 -21.11
CA TYR A 176 7.99 -8.44 -22.02
C TYR A 176 8.06 -9.83 -21.41
N PHE A 177 6.90 -10.46 -21.29
CA PHE A 177 6.80 -11.79 -20.71
C PHE A 177 6.22 -12.77 -21.70
N VAL A 178 6.75 -13.99 -21.66
CA VAL A 178 6.29 -15.11 -22.47
C VAL A 178 6.12 -16.25 -21.49
N ASP A 179 4.88 -16.70 -21.29
CA ASP A 179 4.57 -17.76 -20.32
C ASP A 179 5.05 -17.36 -18.93
N ASP A 180 4.77 -16.11 -18.56
CA ASP A 180 5.11 -15.52 -17.26
C ASP A 180 6.62 -15.45 -17.02
N ARG A 181 7.42 -15.52 -18.07
CA ARG A 181 8.87 -15.45 -17.97
C ARG A 181 9.38 -14.20 -18.69
N LEU A 182 10.15 -13.38 -17.98
CA LEU A 182 10.68 -12.16 -18.57
C LEU A 182 11.70 -12.52 -19.65
N VAL A 183 11.45 -12.04 -20.87
CA VAL A 183 12.33 -12.30 -21.99
C VAL A 183 12.92 -11.04 -22.60
N MET A 184 12.30 -9.88 -22.39
CA MET A 184 12.82 -8.64 -22.93
C MET A 184 12.51 -7.50 -21.96
N HIS A 185 13.40 -6.51 -21.91
CA HIS A 185 13.21 -5.35 -21.05
C HIS A 185 13.82 -4.15 -21.77
N ASN A 186 12.97 -3.26 -22.26
CA ASN A 186 13.39 -2.05 -22.95
C ASN A 186 13.12 -0.84 -22.06
N LYS A 187 13.88 0.23 -22.30
CA LYS A 187 13.77 1.45 -21.54
C LYS A 187 13.61 2.66 -22.47
N ALA A 188 13.00 3.71 -21.94
CA ALA A 188 12.81 4.93 -22.72
C ALA A 188 12.67 6.13 -21.80
N ASP A 189 12.94 7.30 -22.37
CA ASP A 189 12.75 8.55 -21.65
C ASP A 189 11.98 9.45 -22.60
N TYR A 190 11.25 10.41 -22.05
CA TYR A 190 10.39 11.23 -22.87
C TYR A 190 10.49 12.71 -22.62
N SER A 191 10.35 13.47 -23.69
CA SER A 191 10.29 14.91 -23.67
C SER A 191 8.90 15.29 -24.16
N TYR A 192 8.30 16.26 -23.48
CA TYR A 192 6.98 16.77 -23.85
C TYR A 192 7.07 18.26 -24.11
N SER A 193 8.26 18.73 -24.47
CA SER A 193 8.53 20.14 -24.73
C SER A 193 8.41 20.50 -26.19
N GLY A 194 8.00 19.56 -27.04
CA GLY A 194 7.85 19.84 -28.47
C GLY A 194 9.12 20.24 -29.15
N THR A 195 10.24 19.60 -28.81
CA THR A 195 11.56 19.88 -29.38
C THR A 195 11.92 21.36 -29.24
N ILE B 16 -4.99 -32.93 -43.27
CA ILE B 16 -5.54 -32.72 -41.94
C ILE B 16 -7.02 -33.08 -41.89
N GLY B 17 -7.32 -34.18 -41.20
CA GLY B 17 -8.68 -34.65 -41.05
C GLY B 17 -9.19 -34.43 -39.63
N PRO B 18 -10.51 -34.48 -39.45
CA PRO B 18 -11.08 -34.27 -38.10
C PRO B 18 -10.40 -35.07 -37.00
N GLU B 19 -10.00 -36.31 -37.29
CA GLU B 19 -9.34 -37.12 -36.27
C GLU B 19 -8.00 -36.54 -35.85
N ASP B 20 -7.43 -35.64 -36.65
CA ASP B 20 -6.16 -35.03 -36.30
C ASP B 20 -6.31 -33.90 -35.30
N VAL B 21 -7.53 -33.40 -35.09
CA VAL B 21 -7.77 -32.33 -34.14
C VAL B 21 -8.71 -32.74 -33.01
N LEU B 22 -9.50 -33.80 -33.17
CA LEU B 22 -10.45 -34.22 -32.13
C LEU B 22 -9.77 -34.64 -30.84
N GLY B 23 -8.49 -34.99 -30.86
CA GLY B 23 -7.78 -35.37 -29.66
C GLY B 23 -6.76 -34.37 -29.18
N LEU B 24 -6.71 -33.17 -29.75
CA LEU B 24 -5.74 -32.17 -29.34
C LEU B 24 -5.97 -31.76 -27.90
N GLN B 25 -4.90 -31.74 -27.11
CA GLN B 25 -4.95 -31.36 -25.72
C GLN B 25 -4.32 -29.99 -25.45
N ARG B 26 -3.92 -29.28 -26.51
CA ARG B 26 -3.34 -27.95 -26.38
C ARG B 26 -3.68 -27.14 -27.61
N ILE B 27 -3.56 -25.82 -27.47
CA ILE B 27 -3.78 -24.93 -28.59
C ILE B 27 -2.66 -25.19 -29.59
N THR B 28 -2.96 -25.14 -30.88
CA THR B 28 -1.91 -25.40 -31.84
C THR B 28 -0.94 -24.23 -31.90
N GLY B 29 0.34 -24.54 -32.12
CA GLY B 29 1.38 -23.54 -32.19
C GLY B 29 1.36 -22.69 -33.45
N ASP B 30 0.56 -23.08 -34.45
CA ASP B 30 0.48 -22.33 -35.69
C ASP B 30 -0.78 -22.78 -36.41
N TYR B 31 -1.21 -21.97 -37.39
CA TYR B 31 -2.38 -22.31 -38.17
C TYR B 31 -2.08 -23.56 -38.99
N LEU B 32 -2.96 -24.56 -38.90
CA LEU B 32 -2.76 -25.81 -39.62
C LEU B 32 -3.07 -25.72 -41.11
N CYS B 33 -3.61 -24.59 -41.57
CA CYS B 33 -3.91 -24.41 -42.97
C CYS B 33 -3.76 -22.93 -43.30
N SER B 34 -3.50 -22.65 -44.57
CA SER B 34 -3.31 -21.30 -45.07
C SER B 34 -4.62 -20.72 -45.59
N PRO B 35 -4.71 -19.40 -45.72
CA PRO B 35 -5.96 -18.80 -46.23
C PRO B 35 -6.31 -19.26 -47.64
N GLU B 36 -5.32 -19.59 -48.47
CA GLU B 36 -5.61 -20.04 -49.83
C GLU B 36 -6.25 -21.42 -49.86
N GLU B 37 -6.18 -22.18 -48.76
CA GLU B 37 -6.79 -23.51 -48.74
C GLU B 37 -8.31 -23.42 -48.67
N ASN B 38 -8.86 -22.22 -48.45
CA ASN B 38 -10.30 -21.98 -48.39
C ASN B 38 -10.78 -21.80 -49.83
N ILE B 39 -10.68 -22.89 -50.59
CA ILE B 39 -11.06 -22.90 -52.00
C ILE B 39 -12.56 -22.79 -52.22
N TYR B 40 -13.36 -22.92 -51.17
CA TYR B 40 -14.81 -22.81 -51.30
C TYR B 40 -15.29 -21.39 -51.07
N LYS B 41 -14.37 -20.45 -50.85
CA LYS B 41 -14.70 -19.03 -50.62
C LYS B 41 -15.69 -18.86 -49.47
N ILE B 42 -15.55 -19.69 -48.44
CA ILE B 42 -16.42 -19.59 -47.28
C ILE B 42 -16.02 -18.35 -46.51
N ASP B 43 -16.95 -17.40 -46.38
CA ASP B 43 -16.67 -16.15 -45.68
C ASP B 43 -17.80 -15.84 -44.71
N PHE B 44 -17.48 -15.83 -43.42
CA PHE B 44 -18.45 -15.52 -42.37
C PHE B 44 -18.70 -14.02 -42.35
N VAL B 45 -19.95 -13.60 -42.56
CA VAL B 45 -20.27 -12.19 -42.60
C VAL B 45 -20.93 -11.70 -41.31
N ARG B 46 -21.73 -12.55 -40.68
CA ARG B 46 -22.41 -12.16 -39.45
C ARG B 46 -22.27 -13.27 -38.41
N PHE B 47 -22.06 -12.86 -37.16
CA PHE B 47 -21.91 -13.79 -36.05
C PHE B 47 -22.56 -13.16 -34.82
N LYS B 48 -23.50 -13.88 -34.20
CA LYS B 48 -24.19 -13.38 -33.03
C LYS B 48 -24.33 -14.49 -32.00
N ILE B 49 -24.04 -14.16 -30.74
CA ILE B 49 -24.14 -15.09 -29.63
C ILE B 49 -25.19 -14.56 -28.67
N ARG B 50 -26.15 -15.40 -28.30
CA ARG B 50 -27.21 -15.00 -27.39
CA ARG B 50 -27.21 -15.00 -27.39
C ARG B 50 -27.33 -16.02 -26.27
N ASP B 51 -27.68 -15.53 -25.08
CA ASP B 51 -27.87 -16.39 -23.92
C ASP B 51 -29.26 -17.01 -24.03
N MET B 52 -29.33 -18.34 -24.10
CA MET B 52 -30.62 -19.01 -24.25
C MET B 52 -31.50 -18.93 -23.01
N ASP B 53 -30.99 -18.47 -21.87
CA ASP B 53 -31.83 -18.38 -20.68
C ASP B 53 -32.33 -16.97 -20.43
N SER B 54 -31.87 -15.99 -21.21
CA SER B 54 -32.31 -14.62 -21.06
C SER B 54 -32.56 -13.90 -22.38
N GLY B 55 -32.09 -14.43 -23.51
CA GLY B 55 -32.26 -13.75 -24.78
C GLY B 55 -31.29 -12.61 -24.97
N THR B 56 -30.40 -12.37 -24.00
CA THR B 56 -29.44 -11.29 -24.09
C THR B 56 -28.39 -11.58 -25.14
N VAL B 57 -28.09 -10.60 -25.96
CA VAL B 57 -27.06 -10.75 -26.99
C VAL B 57 -25.71 -10.52 -26.30
N LEU B 58 -24.92 -11.58 -26.20
CA LEU B 58 -23.62 -11.49 -25.56
C LEU B 58 -22.54 -10.94 -26.48
N PHE B 59 -22.77 -11.00 -27.79
CA PHE B 59 -21.81 -10.54 -28.79
C PHE B 59 -22.48 -10.57 -30.15
N GLU B 60 -22.12 -9.62 -30.99
CA GLU B 60 -22.67 -9.55 -32.35
C GLU B 60 -21.71 -8.76 -33.23
N ILE B 61 -21.37 -9.32 -34.38
CA ILE B 61 -20.46 -8.68 -35.33
C ILE B 61 -20.96 -8.93 -36.74
N LYS B 62 -20.73 -7.95 -37.62
CA LYS B 62 -21.12 -8.02 -39.02
C LYS B 62 -19.92 -7.57 -39.84
N LYS B 63 -19.26 -8.51 -40.50
CA LYS B 63 -18.09 -8.21 -41.32
C LYS B 63 -18.29 -8.65 -42.75
N GLY B 82 -8.04 -10.90 -39.17
CA GLY B 82 -8.71 -11.83 -40.05
C GLY B 82 -8.99 -13.18 -39.42
N ARG B 83 -7.94 -13.99 -39.24
CA ARG B 83 -8.07 -15.32 -38.66
C ARG B 83 -7.95 -15.35 -37.15
N PHE B 84 -7.79 -14.21 -36.48
CA PHE B 84 -7.70 -14.17 -35.04
C PHE B 84 -8.68 -13.15 -34.50
N VAL B 85 -9.46 -13.53 -33.50
CA VAL B 85 -10.44 -12.66 -32.88
C VAL B 85 -10.26 -12.72 -31.37
N ARG B 86 -10.44 -11.59 -30.70
CA ARG B 86 -10.33 -11.50 -29.26
C ARG B 86 -11.71 -11.20 -28.73
N TYR B 87 -12.22 -12.06 -27.85
CA TYR B 87 -13.53 -11.88 -27.25
C TYR B 87 -13.38 -11.36 -25.84
N GLN B 88 -14.27 -10.44 -25.47
CA GLN B 88 -14.28 -9.85 -24.14
C GLN B 88 -15.69 -10.01 -23.60
N PHE B 89 -15.87 -11.00 -22.72
CA PHE B 89 -17.14 -11.32 -22.11
C PHE B 89 -17.13 -10.89 -20.65
N THR B 90 -18.25 -11.11 -19.99
CA THR B 90 -18.36 -10.78 -18.58
C THR B 90 -18.17 -12.03 -17.74
N PRO B 91 -17.93 -11.89 -16.44
CA PRO B 91 -17.76 -13.09 -15.61
C PRO B 91 -19.01 -13.97 -15.59
N ALA B 92 -20.19 -13.41 -15.83
CA ALA B 92 -21.41 -14.21 -15.83
C ALA B 92 -21.44 -15.20 -17.00
N PHE B 93 -20.68 -14.92 -18.06
CA PHE B 93 -20.62 -15.80 -19.21
C PHE B 93 -20.15 -17.20 -18.80
N LEU B 94 -19.23 -17.27 -17.85
CA LEU B 94 -18.70 -18.56 -17.41
C LEU B 94 -19.73 -19.43 -16.69
N ARG B 95 -20.87 -18.86 -16.26
CA ARG B 95 -21.89 -19.62 -15.56
C ARG B 95 -23.12 -19.89 -16.41
N LEU B 96 -23.10 -19.53 -17.69
CA LEU B 96 -24.25 -19.76 -18.53
C LEU B 96 -24.46 -21.25 -18.80
N ARG B 97 -25.70 -21.62 -19.07
CA ARG B 97 -26.02 -23.01 -19.37
C ARG B 97 -25.96 -23.28 -20.87
N GLN B 98 -26.46 -22.35 -21.68
CA GLN B 98 -26.48 -22.59 -23.12
C GLN B 98 -26.56 -21.27 -23.87
N VAL B 99 -25.79 -21.17 -24.94
CA VAL B 99 -25.78 -19.99 -25.79
C VAL B 99 -26.06 -20.44 -27.21
N GLY B 100 -26.74 -19.59 -27.96
CA GLY B 100 -27.08 -19.85 -29.35
C GLY B 100 -26.29 -18.91 -30.24
N ALA B 101 -25.55 -19.50 -31.18
CA ALA B 101 -24.72 -18.74 -32.10
C ALA B 101 -25.34 -18.76 -33.49
N THR B 102 -25.69 -17.58 -33.99
CA THR B 102 -26.26 -17.44 -35.32
C THR B 102 -25.09 -17.04 -36.23
N VAL B 103 -24.82 -17.86 -37.23
CA VAL B 103 -23.71 -17.64 -38.15
C VAL B 103 -24.25 -17.47 -39.56
N GLU B 104 -23.84 -16.41 -40.23
CA GLU B 104 -24.21 -16.12 -41.60
C GLU B 104 -22.94 -16.14 -42.41
N PHE B 105 -22.93 -16.91 -43.50
CA PHE B 105 -21.74 -17.03 -44.31
C PHE B 105 -22.10 -17.19 -45.78
N THR B 106 -21.19 -16.75 -46.64
CA THR B 106 -21.36 -16.87 -48.07
C THR B 106 -20.47 -18.01 -48.55
N VAL B 107 -20.87 -18.60 -49.66
CA VAL B 107 -20.15 -19.72 -50.24
C VAL B 107 -19.85 -19.36 -51.69
N GLY B 108 -18.77 -19.95 -52.23
CA GLY B 108 -18.37 -19.72 -53.59
C GLY B 108 -19.19 -20.55 -54.55
N ASP B 109 -18.70 -20.64 -55.80
CA ASP B 109 -19.40 -21.41 -56.82
C ASP B 109 -19.31 -22.91 -56.58
N LYS B 110 -18.17 -23.38 -56.08
CA LYS B 110 -18.01 -24.80 -55.83
C LYS B 110 -18.97 -25.28 -54.73
N PRO B 111 -19.67 -26.38 -54.94
CA PRO B 111 -20.57 -26.87 -53.90
C PRO B 111 -19.79 -27.35 -52.68
N VAL B 112 -20.31 -27.03 -51.50
CA VAL B 112 -19.70 -27.41 -50.24
C VAL B 112 -20.51 -28.57 -49.67
N ASN B 113 -19.87 -29.72 -49.52
CA ASN B 113 -20.51 -30.91 -48.98
C ASN B 113 -19.80 -31.32 -47.71
N ASN B 114 -20.58 -31.65 -46.68
CA ASN B 114 -20.06 -32.05 -45.38
C ASN B 114 -19.23 -30.94 -44.73
N PHE B 115 -19.87 -29.78 -44.58
CA PHE B 115 -19.24 -28.64 -43.95
C PHE B 115 -19.29 -28.90 -42.45
N ARG B 116 -18.12 -28.93 -41.80
CA ARG B 116 -18.06 -29.26 -40.39
C ARG B 116 -17.09 -28.36 -39.65
N MET B 117 -17.42 -28.07 -38.39
CA MET B 117 -16.58 -27.22 -37.53
C MET B 117 -16.33 -27.89 -36.19
N ILE B 118 -15.06 -27.90 -35.79
CA ILE B 118 -14.63 -28.42 -34.50
C ILE B 118 -13.94 -27.26 -33.80
N GLU B 119 -14.53 -26.80 -32.70
CA GLU B 119 -14.02 -25.66 -31.94
C GLU B 119 -13.62 -26.14 -30.56
N ARG B 120 -12.33 -26.06 -30.25
CA ARG B 120 -11.78 -26.53 -28.97
C ARG B 120 -11.33 -25.34 -28.12
N HIS B 121 -11.82 -25.29 -26.89
CA HIS B 121 -11.50 -24.23 -25.94
C HIS B 121 -10.57 -24.74 -24.86
N TYR B 122 -9.52 -23.96 -24.57
CA TYR B 122 -8.52 -24.34 -23.58
C TYR B 122 -8.19 -23.19 -22.64
N PHE B 123 -7.86 -23.53 -21.40
CA PHE B 123 -7.44 -22.57 -20.41
C PHE B 123 -6.06 -23.02 -19.96
N ARG B 124 -5.03 -22.27 -20.34
CA ARG B 124 -3.64 -22.60 -20.00
C ARG B 124 -3.31 -24.03 -20.40
N ASN B 125 -3.49 -24.32 -21.69
CA ASN B 125 -3.21 -25.62 -22.29
C ASN B 125 -4.03 -26.76 -21.68
N GLN B 126 -5.14 -26.44 -21.04
CA GLN B 126 -6.02 -27.45 -20.44
C GLN B 126 -7.33 -27.41 -21.20
N LEU B 127 -7.66 -28.53 -21.86
CA LEU B 127 -8.89 -28.59 -22.63
C LEU B 127 -10.10 -28.47 -21.72
N LEU B 128 -10.97 -27.52 -22.04
CA LEU B 128 -12.20 -27.29 -21.29
C LEU B 128 -13.41 -27.90 -21.98
N LYS B 129 -13.52 -27.69 -23.29
CA LYS B 129 -14.64 -28.24 -24.04
C LYS B 129 -14.36 -28.11 -25.52
N SER B 130 -14.79 -29.11 -26.27
CA SER B 130 -14.70 -29.15 -27.72
C SER B 130 -16.11 -29.24 -28.27
N PHE B 131 -16.40 -28.48 -29.31
CA PHE B 131 -17.72 -28.47 -29.92
C PHE B 131 -17.60 -28.95 -31.36
N ASP B 132 -18.39 -29.96 -31.72
CA ASP B 132 -18.41 -30.56 -33.05
C ASP B 132 -19.74 -30.21 -33.69
N PHE B 133 -19.73 -29.27 -34.62
CA PHE B 133 -20.94 -28.82 -35.31
C PHE B 133 -20.90 -29.23 -36.77
N HIS B 134 -22.01 -29.75 -37.26
CA HIS B 134 -22.16 -30.14 -38.65
C HIS B 134 -23.13 -29.16 -39.30
N PHE B 135 -22.62 -28.39 -40.25
CA PHE B 135 -23.48 -27.44 -40.94
C PHE B 135 -24.51 -28.19 -41.79
N GLY B 136 -25.61 -27.52 -42.06
CA GLY B 136 -26.65 -28.09 -42.89
C GLY B 136 -26.25 -27.94 -44.34
N PHE B 137 -27.20 -28.13 -45.23
CA PHE B 137 -26.87 -27.98 -46.64
C PHE B 137 -26.53 -26.54 -46.94
N CYS B 138 -25.43 -26.33 -47.67
CA CYS B 138 -24.96 -25.00 -48.04
C CYS B 138 -25.30 -24.76 -49.50
N ILE B 139 -26.01 -23.67 -49.77
CA ILE B 139 -26.38 -23.32 -51.14
C ILE B 139 -25.21 -22.55 -51.73
N PRO B 140 -24.65 -23.00 -52.85
CA PRO B 140 -23.49 -22.31 -53.43
C PRO B 140 -23.84 -20.92 -53.95
N SER B 141 -22.82 -20.07 -54.01
CA SER B 141 -22.93 -18.70 -54.50
C SER B 141 -24.10 -17.97 -53.85
N SER B 142 -24.19 -18.07 -52.52
CA SER B 142 -25.30 -17.42 -51.82
C SER B 142 -24.97 -17.28 -50.34
N LYS B 143 -25.87 -16.63 -49.62
CA LYS B 143 -25.74 -16.41 -48.19
C LYS B 143 -26.43 -17.56 -47.46
N ASN B 144 -25.71 -18.18 -46.53
CA ASN B 144 -26.23 -19.29 -45.75
C ASN B 144 -26.24 -18.93 -44.28
N THR B 145 -27.29 -19.33 -43.58
CA THR B 145 -27.45 -19.05 -42.17
C THR B 145 -27.57 -20.36 -41.40
N CYS B 146 -26.85 -20.45 -40.29
CA CYS B 146 -26.85 -21.64 -39.46
C CYS B 146 -26.86 -21.23 -37.99
N GLU B 147 -27.52 -22.04 -37.17
CA GLU B 147 -27.59 -21.78 -35.74
C GLU B 147 -26.86 -22.90 -35.00
N HIS B 148 -25.89 -22.54 -34.18
CA HIS B 148 -25.12 -23.47 -33.39
C HIS B 148 -25.52 -23.32 -31.93
N ILE B 149 -25.85 -24.43 -31.29
CA ILE B 149 -26.24 -24.44 -29.88
C ILE B 149 -25.04 -24.95 -29.08
N TYR B 150 -24.59 -24.14 -28.12
CA TYR B 150 -23.45 -24.48 -27.28
C TYR B 150 -23.95 -24.82 -25.88
N ASP B 151 -23.79 -26.08 -25.48
CA ASP B 151 -24.16 -26.52 -24.14
C ASP B 151 -22.91 -26.40 -23.30
N PHE B 152 -22.93 -25.50 -22.31
CA PHE B 152 -21.78 -25.26 -21.48
C PHE B 152 -21.65 -26.32 -20.38
N PRO B 153 -20.47 -26.93 -20.23
CA PRO B 153 -20.31 -27.91 -19.16
C PRO B 153 -20.21 -27.19 -17.82
N PRO B 154 -20.63 -27.82 -16.73
CA PRO B 154 -20.52 -27.15 -15.42
C PRO B 154 -19.05 -26.98 -15.08
N LEU B 155 -18.67 -25.75 -14.73
CA LEU B 155 -17.30 -25.44 -14.39
C LEU B 155 -17.14 -25.31 -12.88
N SER B 156 -15.95 -25.67 -12.41
CA SER B 156 -15.68 -25.56 -10.99
C SER B 156 -15.47 -24.09 -10.62
N GLU B 157 -15.72 -23.77 -9.35
CA GLU B 157 -15.53 -22.40 -8.90
C GLU B 157 -14.08 -21.97 -9.02
N GLU B 158 -13.15 -22.89 -8.73
CA GLU B 158 -11.73 -22.57 -8.82
C GLU B 158 -11.33 -22.22 -10.25
N LEU B 159 -11.86 -22.96 -11.23
CA LEU B 159 -11.54 -22.65 -12.62
C LEU B 159 -12.14 -21.33 -13.04
N ILE B 160 -13.37 -21.04 -12.58
CA ILE B 160 -14.02 -19.79 -12.91
C ILE B 160 -13.21 -18.61 -12.40
N SER B 161 -12.72 -18.71 -11.15
CA SER B 161 -11.91 -17.63 -10.58
C SER B 161 -10.64 -17.41 -11.38
N GLU B 162 -9.97 -18.51 -11.77
CA GLU B 162 -8.73 -18.38 -12.54
C GLU B 162 -8.99 -17.77 -13.91
N MET B 163 -10.07 -18.19 -14.58
CA MET B 163 -10.40 -17.66 -15.90
C MET B 163 -10.68 -16.17 -15.85
N ILE B 164 -11.37 -15.71 -14.80
CA ILE B 164 -11.64 -14.28 -14.68
C ILE B 164 -10.35 -13.53 -14.38
N ARG B 165 -9.54 -14.08 -13.48
CA ARG B 165 -8.29 -13.47 -13.05
C ARG B 165 -7.19 -13.51 -14.11
N HIS B 166 -7.28 -14.38 -15.11
CA HIS B 166 -6.24 -14.51 -16.14
C HIS B 166 -6.81 -14.31 -17.53
N PRO B 167 -7.16 -13.07 -17.89
CA PRO B 167 -7.72 -12.82 -19.23
C PRO B 167 -6.75 -13.18 -20.34
N TYR B 168 -7.32 -13.59 -21.47
CA TYR B 168 -6.63 -13.99 -22.70
C TYR B 168 -5.82 -15.26 -22.55
N GLU B 169 -5.88 -15.91 -21.39
CA GLU B 169 -5.24 -17.21 -21.20
C GLU B 169 -6.19 -18.32 -21.58
N THR B 170 -7.44 -17.98 -21.89
CA THR B 170 -8.43 -18.91 -22.40
C THR B 170 -8.36 -18.71 -23.90
N GLN B 171 -8.06 -19.79 -24.63
CA GLN B 171 -7.89 -19.68 -26.07
C GLN B 171 -8.62 -20.81 -26.76
N SER B 172 -8.86 -20.63 -28.06
CA SER B 172 -9.56 -21.65 -28.82
C SER B 172 -9.05 -21.74 -30.25
N ASP B 173 -9.27 -22.91 -30.83
CA ASP B 173 -8.96 -23.24 -32.21
C ASP B 173 -10.28 -23.64 -32.86
N SER B 174 -10.57 -23.07 -34.02
CA SER B 174 -11.79 -23.40 -34.75
C SER B 174 -11.37 -24.02 -36.07
N PHE B 175 -11.53 -25.33 -36.19
CA PHE B 175 -11.16 -26.08 -37.39
C PHE B 175 -12.41 -26.33 -38.24
N TYR B 176 -12.37 -25.86 -39.48
CA TYR B 176 -13.48 -26.01 -40.41
C TYR B 176 -13.10 -27.02 -41.49
N PHE B 177 -13.94 -28.03 -41.68
CA PHE B 177 -13.68 -29.08 -42.64
C PHE B 177 -14.78 -29.17 -43.69
N VAL B 178 -14.37 -29.53 -44.89
CA VAL B 178 -15.26 -29.75 -46.03
C VAL B 178 -14.81 -31.09 -46.61
N ASP B 179 -15.72 -32.07 -46.63
CA ASP B 179 -15.40 -33.40 -47.15
C ASP B 179 -14.22 -34.00 -46.38
N ASP B 180 -14.18 -33.73 -45.07
CA ASP B 180 -13.16 -34.21 -44.14
C ASP B 180 -11.77 -33.60 -44.37
N ARG B 181 -11.67 -32.49 -45.08
CA ARG B 181 -10.39 -31.84 -45.31
C ARG B 181 -10.40 -30.46 -44.67
N LEU B 182 -9.37 -30.16 -43.87
CA LEU B 182 -9.28 -28.86 -43.23
C LEU B 182 -9.26 -27.77 -44.28
N VAL B 183 -10.23 -26.87 -44.23
CA VAL B 183 -10.36 -25.78 -45.19
C VAL B 183 -10.15 -24.40 -44.57
N MET B 184 -10.36 -24.25 -43.26
CA MET B 184 -10.17 -22.99 -42.57
C MET B 184 -9.77 -23.28 -41.13
N HIS B 185 -8.99 -22.37 -40.55
CA HIS B 185 -8.57 -22.53 -39.16
C HIS B 185 -8.46 -21.15 -38.54
N ASN B 186 -9.37 -20.86 -37.62
CA ASN B 186 -9.40 -19.58 -36.93
C ASN B 186 -8.98 -19.80 -35.49
N LYS B 187 -8.53 -18.73 -34.86
CA LYS B 187 -8.06 -18.76 -33.49
C LYS B 187 -8.69 -17.61 -32.72
N ALA B 188 -8.73 -17.77 -31.40
CA ALA B 188 -9.29 -16.71 -30.58
C ALA B 188 -8.77 -16.85 -29.15
N ASP B 189 -8.85 -15.74 -28.41
CA ASP B 189 -8.52 -15.72 -27.00
C ASP B 189 -9.66 -14.96 -26.33
N TYR B 190 -9.87 -15.22 -25.05
CA TYR B 190 -11.00 -14.63 -24.38
C TYR B 190 -10.66 -14.02 -23.02
N SER B 191 -11.46 -13.03 -22.66
CA SER B 191 -11.39 -12.35 -21.38
C SER B 191 -12.79 -12.42 -20.78
N TYR B 192 -12.86 -12.70 -19.48
CA TYR B 192 -14.13 -12.76 -18.79
C TYR B 192 -14.15 -11.74 -17.66
N SER B 193 -13.38 -10.67 -17.85
CA SER B 193 -13.26 -9.59 -16.88
C SER B 193 -14.30 -8.50 -17.10
N GLY B 194 -15.21 -8.71 -18.05
CA GLY B 194 -16.27 -7.75 -18.32
C GLY B 194 -15.83 -6.34 -18.64
N THR B 195 -14.66 -6.17 -19.24
CA THR B 195 -14.22 -4.83 -19.59
C THR B 195 -15.23 -4.12 -20.50
N PRO B 196 -15.80 -4.76 -21.53
CA PRO B 196 -16.80 -4.06 -22.34
C PRO B 196 -18.14 -4.80 -22.31
N ILE C 16 -25.96 12.44 15.71
CA ILE C 16 -25.23 11.24 15.33
C ILE C 16 -23.73 11.54 15.36
N GLY C 17 -22.98 10.72 16.09
CA GLY C 17 -21.55 10.90 16.20
C GLY C 17 -20.77 9.77 15.54
N PRO C 18 -19.46 9.97 15.39
CA PRO C 18 -18.63 8.92 14.77
C PRO C 18 -18.70 7.58 15.48
N GLU C 19 -18.77 7.60 16.81
CA GLU C 19 -18.86 6.35 17.55
C GLU C 19 -20.18 5.65 17.32
N ASP C 20 -21.23 6.39 16.95
CA ASP C 20 -22.51 5.76 16.67
C ASP C 20 -22.40 4.87 15.44
N VAL C 21 -21.71 5.34 14.40
CA VAL C 21 -21.57 4.58 13.17
C VAL C 21 -20.34 3.66 13.17
N LEU C 22 -19.39 3.86 14.09
CA LEU C 22 -18.21 3.01 14.13
C LEU C 22 -18.51 1.58 14.58
N GLY C 23 -19.68 1.33 15.16
CA GLY C 23 -20.05 0.01 15.59
C GLY C 23 -21.12 -0.66 14.75
N LEU C 24 -21.52 -0.05 13.63
CA LEU C 24 -22.55 -0.65 12.79
C LEU C 24 -22.01 -1.87 12.07
N GLN C 25 -22.76 -2.97 12.14
CA GLN C 25 -22.37 -4.22 11.51
C GLN C 25 -23.13 -4.49 10.21
N ARG C 26 -23.95 -3.54 9.76
CA ARG C 26 -24.71 -3.70 8.52
C ARG C 26 -25.08 -2.32 8.00
N ILE C 27 -25.44 -2.28 6.71
CA ILE C 27 -25.82 -1.04 6.07
C ILE C 27 -27.07 -0.47 6.76
N THR C 28 -27.16 0.87 6.80
CA THR C 28 -28.31 1.49 7.44
C THR C 28 -29.55 1.37 6.55
N GLY C 29 -30.71 1.23 7.20
CA GLY C 29 -31.94 1.12 6.45
C GLY C 29 -32.45 2.42 5.86
N ASP C 30 -31.92 3.55 6.33
CA ASP C 30 -32.32 4.85 5.83
C ASP C 30 -31.18 5.83 6.04
N TYR C 31 -31.34 7.04 5.51
CA TYR C 31 -30.32 8.07 5.69
C TYR C 31 -30.41 8.60 7.11
N LEU C 32 -29.26 8.65 7.79
CA LEU C 32 -29.18 9.10 9.17
C LEU C 32 -29.29 10.60 9.32
N CYS C 33 -29.26 11.37 8.23
CA CYS C 33 -29.37 12.82 8.32
C CYS C 33 -30.03 13.33 7.05
N SER C 34 -30.61 14.45 7.16
CA SER C 34 -31.30 15.12 6.07
C SER C 34 -30.34 16.00 5.30
N PRO C 35 -30.61 16.23 4.00
CA PRO C 35 -29.73 17.12 3.23
C PRO C 35 -29.63 18.52 3.80
N GLU C 36 -30.69 18.98 4.49
CA GLU C 36 -30.66 20.31 5.09
C GLU C 36 -29.65 20.39 6.22
N GLU C 37 -29.28 19.26 6.83
CA GLU C 37 -28.31 19.27 7.92
C GLU C 37 -26.91 19.64 7.44
N ASN C 38 -26.69 19.69 6.13
CA ASN C 38 -25.40 20.07 5.55
C ASN C 38 -25.30 21.60 5.62
N ILE C 39 -25.32 22.09 6.87
CA ILE C 39 -25.28 23.53 7.14
C ILE C 39 -24.02 24.18 6.57
N TYR C 40 -22.91 23.45 6.50
CA TYR C 40 -21.68 24.03 5.97
C TYR C 40 -21.67 24.12 4.45
N LYS C 41 -22.73 23.68 3.78
CA LYS C 41 -22.86 23.74 2.33
C LYS C 41 -21.67 23.07 1.62
N ILE C 42 -21.37 21.85 2.04
CA ILE C 42 -20.31 21.06 1.44
C ILE C 42 -20.91 20.37 0.20
N ASP C 43 -20.31 20.60 -0.95
CA ASP C 43 -20.79 20.03 -2.20
C ASP C 43 -19.64 19.42 -2.99
N PHE C 44 -19.67 18.10 -3.18
CA PHE C 44 -18.63 17.40 -3.93
C PHE C 44 -18.87 17.64 -5.41
N VAL C 45 -17.89 18.25 -6.09
CA VAL C 45 -18.01 18.53 -7.52
C VAL C 45 -17.19 17.59 -8.39
N ARG C 46 -16.24 16.84 -7.82
CA ARG C 46 -15.43 15.94 -8.62
C ARG C 46 -14.93 14.80 -7.74
N PHE C 47 -14.95 13.58 -8.30
CA PHE C 47 -14.52 12.38 -7.59
C PHE C 47 -13.75 11.49 -8.54
N LYS C 48 -12.56 11.05 -8.14
CA LYS C 48 -11.73 10.20 -8.98
C LYS C 48 -11.10 9.07 -8.18
N ILE C 49 -11.22 7.85 -8.69
CA ILE C 49 -10.67 6.65 -8.06
C ILE C 49 -9.59 6.11 -9.00
N ARG C 50 -8.40 5.85 -8.46
CA ARG C 50 -7.32 5.34 -9.28
C ARG C 50 -6.58 4.24 -8.53
N ASP C 51 -6.05 3.29 -9.30
CA ASP C 51 -5.29 2.17 -8.76
C ASP C 51 -3.86 2.64 -8.50
N MET C 52 -3.45 2.67 -7.24
CA MET C 52 -2.11 3.15 -6.88
C MET C 52 -0.99 2.31 -7.48
N ASP C 53 -1.24 1.04 -7.82
CA ASP C 53 -0.19 0.22 -8.41
C ASP C 53 -0.10 0.34 -9.92
N SER C 54 -1.07 1.00 -10.56
CA SER C 54 -1.03 1.14 -12.01
C SER C 54 -1.40 2.54 -12.50
N GLY C 55 -1.86 3.43 -11.63
CA GLY C 55 -2.26 4.76 -12.06
C GLY C 55 -3.51 4.77 -12.92
N THR C 56 -4.17 3.63 -13.07
CA THR C 56 -5.38 3.56 -13.88
C THR C 56 -6.54 4.20 -13.14
N VAL C 57 -7.26 5.09 -13.82
CA VAL C 57 -8.42 5.74 -13.23
C VAL C 57 -9.59 4.76 -13.34
N LEU C 58 -10.00 4.22 -12.20
CA LEU C 58 -11.09 3.24 -12.17
C LEU C 58 -12.46 3.88 -12.25
N PHE C 59 -12.59 5.16 -11.91
CA PHE C 59 -13.84 5.89 -11.96
C PHE C 59 -13.55 7.38 -11.83
N GLU C 60 -14.32 8.19 -12.55
CA GLU C 60 -14.14 9.64 -12.50
C GLU C 60 -15.46 10.31 -12.87
N ILE C 61 -15.76 11.43 -12.21
CA ILE C 61 -16.99 12.17 -12.45
C ILE C 61 -16.74 13.64 -12.11
N LYS C 62 -17.44 14.53 -12.83
CA LYS C 62 -17.34 15.97 -12.61
C LYS C 62 -18.78 16.49 -12.58
N LYS C 63 -19.36 16.50 -11.39
CA LYS C 63 -20.74 16.96 -11.22
C LYS C 63 -20.78 18.47 -11.12
N PRO C 64 -21.49 19.17 -12.02
CA PRO C 64 -21.60 20.64 -12.00
C PRO C 64 -22.27 21.15 -10.73
N PRO C 79 -36.08 12.12 -4.16
CA PRO C 79 -35.94 10.90 -3.37
C PRO C 79 -34.59 10.83 -2.67
N ASN C 80 -33.61 10.19 -3.32
CA ASN C 80 -32.27 10.09 -2.74
C ASN C 80 -31.55 11.42 -2.74
N ALA C 81 -31.97 12.37 -3.58
CA ALA C 81 -31.36 13.70 -3.67
C ALA C 81 -29.87 13.64 -3.98
N GLY C 82 -29.52 12.80 -4.95
CA GLY C 82 -28.13 12.66 -5.36
C GLY C 82 -27.19 12.08 -4.33
N ARG C 83 -27.71 11.50 -3.25
CA ARG C 83 -26.88 10.92 -2.20
C ARG C 83 -26.57 9.44 -2.45
N PHE C 84 -27.06 8.87 -3.55
CA PHE C 84 -26.82 7.47 -3.86
C PHE C 84 -26.11 7.35 -5.20
N VAL C 85 -25.04 6.57 -5.24
CA VAL C 85 -24.25 6.35 -6.43
C VAL C 85 -24.08 4.86 -6.63
N ARG C 86 -24.21 4.41 -7.88
CA ARG C 86 -24.02 3.01 -8.24
C ARG C 86 -22.72 2.92 -9.00
N TYR C 87 -21.78 2.12 -8.50
CA TYR C 87 -20.47 1.98 -9.14
C TYR C 87 -20.37 0.67 -9.90
N GLN C 88 -19.70 0.72 -11.04
CA GLN C 88 -19.50 -0.42 -11.93
C GLN C 88 -17.99 -0.62 -12.08
N PHE C 89 -17.44 -1.58 -11.38
CA PHE C 89 -16.02 -1.89 -11.44
C PHE C 89 -15.83 -3.25 -12.09
N THR C 90 -14.59 -3.60 -12.31
CA THR C 90 -14.24 -4.88 -12.89
C THR C 90 -13.89 -5.87 -11.80
N PRO C 91 -13.83 -7.16 -12.10
CA PRO C 91 -13.46 -8.14 -11.07
C PRO C 91 -12.06 -7.89 -10.51
N ALA C 92 -11.16 -7.34 -11.32
CA ALA C 92 -9.80 -7.05 -10.88
C ALA C 92 -9.77 -6.04 -9.75
N PHE C 93 -10.83 -5.23 -9.60
CA PHE C 93 -10.90 -4.24 -8.53
C PHE C 93 -10.82 -4.90 -7.16
N LEU C 94 -11.44 -6.08 -7.02
CA LEU C 94 -11.45 -6.80 -5.75
C LEU C 94 -10.07 -7.32 -5.34
N ARG C 95 -9.11 -7.34 -6.26
CA ARG C 95 -7.76 -7.82 -5.94
C ARG C 95 -6.74 -6.70 -5.91
N LEU C 96 -7.19 -5.44 -5.89
CA LEU C 96 -6.25 -4.33 -5.85
C LEU C 96 -5.65 -4.19 -4.45
N ARG C 97 -4.46 -3.63 -4.39
CA ARG C 97 -3.79 -3.45 -3.11
C ARG C 97 -4.23 -2.15 -2.45
N GLN C 98 -4.25 -1.07 -3.20
CA GLN C 98 -4.61 0.23 -2.65
C GLN C 98 -5.06 1.14 -3.77
N VAL C 99 -6.07 1.97 -3.48
CA VAL C 99 -6.60 2.92 -4.45
C VAL C 99 -6.61 4.30 -3.81
N GLY C 100 -6.34 5.31 -4.63
CA GLY C 100 -6.32 6.70 -4.19
C GLY C 100 -7.56 7.40 -4.70
N ALA C 101 -8.25 8.08 -3.79
CA ALA C 101 -9.47 8.79 -4.11
C ALA C 101 -9.19 10.29 -4.02
N THR C 102 -9.38 11.00 -5.12
CA THR C 102 -9.20 12.44 -5.17
C THR C 102 -10.58 13.05 -5.19
N VAL C 103 -10.87 13.91 -4.22
CA VAL C 103 -12.17 14.57 -4.11
C VAL C 103 -11.98 16.06 -4.23
N GLU C 104 -12.94 16.72 -4.87
CA GLU C 104 -12.96 18.16 -5.03
C GLU C 104 -14.32 18.61 -4.54
N PHE C 105 -14.34 19.57 -3.63
CA PHE C 105 -15.62 20.02 -3.09
C PHE C 105 -15.53 21.49 -2.70
N THR C 106 -16.69 22.12 -2.62
CA THR C 106 -16.82 23.51 -2.25
C THR C 106 -17.42 23.58 -0.85
N VAL C 107 -17.20 24.71 -0.19
CA VAL C 107 -17.67 24.94 1.17
C VAL C 107 -18.45 26.25 1.20
N GLY C 108 -19.32 26.38 2.20
CA GLY C 108 -20.12 27.57 2.38
C GLY C 108 -19.33 28.74 2.95
N ASP C 109 -19.98 29.53 3.81
CA ASP C 109 -19.33 30.69 4.42
C ASP C 109 -18.58 30.36 5.70
N LYS C 110 -19.17 29.56 6.58
CA LYS C 110 -18.52 29.22 7.84
C LYS C 110 -17.33 28.28 7.62
N PRO C 111 -16.19 28.54 8.27
CA PRO C 111 -15.03 27.66 8.10
C PRO C 111 -15.34 26.27 8.66
N VAL C 112 -14.70 25.27 8.07
CA VAL C 112 -14.92 23.89 8.47
C VAL C 112 -13.61 23.24 8.89
N ASN C 113 -13.60 22.70 10.10
CA ASN C 113 -12.45 21.99 10.65
C ASN C 113 -13.01 20.74 11.33
N ASN C 114 -12.16 19.73 11.46
CA ASN C 114 -12.52 18.43 12.03
C ASN C 114 -13.43 17.66 11.09
N PHE C 115 -13.41 18.02 9.80
CA PHE C 115 -14.20 17.37 8.76
C PHE C 115 -13.71 15.94 8.66
N ARG C 116 -14.56 15.00 9.04
CA ARG C 116 -14.21 13.58 9.07
C ARG C 116 -15.21 12.75 8.29
N MET C 117 -14.70 11.74 7.58
CA MET C 117 -15.54 10.84 6.81
C MET C 117 -15.31 9.42 7.29
N ILE C 118 -16.41 8.70 7.52
CA ILE C 118 -16.40 7.31 7.95
C ILE C 118 -17.13 6.54 6.85
N GLU C 119 -16.40 5.70 6.12
CA GLU C 119 -16.97 4.91 5.03
C GLU C 119 -16.89 3.44 5.40
N ARG C 120 -18.06 2.79 5.47
CA ARG C 120 -18.16 1.39 5.82
C ARG C 120 -18.70 0.61 4.62
N HIS C 121 -18.00 -0.47 4.27
CA HIS C 121 -18.37 -1.31 3.14
C HIS C 121 -18.87 -2.66 3.64
N TYR C 122 -20.04 -3.07 3.16
CA TYR C 122 -20.64 -4.33 3.56
C TYR C 122 -21.11 -5.15 2.36
N PHE C 123 -21.04 -6.47 2.52
CA PHE C 123 -21.52 -7.41 1.53
C PHE C 123 -22.43 -8.37 2.27
N ARG C 124 -23.73 -8.30 1.96
CA ARG C 124 -24.74 -9.15 2.59
C ARG C 124 -24.71 -9.01 4.12
N ASN C 125 -24.80 -7.76 4.58
CA ASN C 125 -24.80 -7.44 6.01
C ASN C 125 -23.57 -7.99 6.72
N GLN C 126 -22.42 -7.92 6.05
CA GLN C 126 -21.15 -8.39 6.60
C GLN C 126 -20.11 -7.31 6.36
N LEU C 127 -19.65 -6.66 7.42
CA LEU C 127 -18.66 -5.61 7.28
C LEU C 127 -17.39 -6.16 6.66
N LEU C 128 -16.95 -5.53 5.58
CA LEU C 128 -15.73 -5.91 4.89
C LEU C 128 -14.56 -5.02 5.28
N LYS C 129 -14.80 -3.72 5.45
CA LYS C 129 -13.76 -2.77 5.83
C LYS C 129 -14.40 -1.42 6.12
N SER C 130 -13.87 -0.74 7.13
CA SER C 130 -14.31 0.59 7.50
C SER C 130 -13.16 1.53 7.25
N PHE C 131 -13.44 2.71 6.72
CA PHE C 131 -12.41 3.70 6.40
C PHE C 131 -12.69 5.00 7.15
N ASP C 132 -11.67 5.50 7.84
CA ASP C 132 -11.75 6.74 8.60
C ASP C 132 -10.79 7.73 7.98
N PHE C 133 -11.31 8.81 7.42
CA PHE C 133 -10.49 9.83 6.77
C PHE C 133 -10.85 11.21 7.31
N HIS C 134 -9.87 12.10 7.21
CA HIS C 134 -10.00 13.49 7.63
C HIS C 134 -9.67 14.35 6.42
N PHE C 135 -10.43 15.42 6.23
CA PHE C 135 -10.20 16.32 5.11
C PHE C 135 -9.34 17.52 5.48
N GLY C 136 -9.06 17.72 6.77
CA GLY C 136 -8.26 18.85 7.18
C GLY C 136 -9.04 20.15 7.07
N PHE C 137 -8.29 21.24 7.05
CA PHE C 137 -8.88 22.57 6.94
C PHE C 137 -9.53 22.75 5.57
N CYS C 138 -10.62 23.51 5.55
CA CYS C 138 -11.34 23.74 4.30
C CYS C 138 -11.52 25.24 4.08
N ILE C 139 -11.18 25.69 2.88
CA ILE C 139 -11.30 27.10 2.50
C ILE C 139 -12.77 27.43 2.30
N PRO C 140 -13.32 28.38 3.05
CA PRO C 140 -14.73 28.74 2.87
C PRO C 140 -14.95 29.43 1.52
N SER C 141 -16.14 29.21 0.96
CA SER C 141 -16.53 29.81 -0.32
C SER C 141 -15.47 29.58 -1.40
N SER C 142 -14.91 28.37 -1.43
CA SER C 142 -13.88 28.05 -2.40
C SER C 142 -13.85 26.55 -2.62
N LYS C 143 -13.06 26.13 -3.61
CA LYS C 143 -12.92 24.72 -3.93
C LYS C 143 -11.75 24.13 -3.15
N ASN C 144 -11.97 22.93 -2.62
CA ASN C 144 -10.97 22.19 -1.86
C ASN C 144 -10.71 20.87 -2.53
N THR C 145 -9.45 20.44 -2.55
CA THR C 145 -9.05 19.18 -3.15
C THR C 145 -8.33 18.34 -2.11
N CYS C 146 -8.82 17.12 -1.92
CA CYS C 146 -8.26 16.19 -0.95
CA CYS C 146 -8.24 16.20 -0.95
C CYS C 146 -8.05 14.83 -1.60
N GLU C 147 -7.05 14.10 -1.12
CA GLU C 147 -6.73 12.78 -1.63
C GLU C 147 -6.75 11.79 -0.47
N HIS C 148 -7.45 10.68 -0.66
CA HIS C 148 -7.56 9.64 0.36
C HIS C 148 -7.02 8.34 -0.19
N ILE C 149 -6.24 7.65 0.63
CA ILE C 149 -5.63 6.37 0.27
C ILE C 149 -6.42 5.26 0.93
N TYR C 150 -6.88 4.29 0.14
CA TYR C 150 -7.66 3.17 0.63
C TYR C 150 -6.81 1.91 0.60
N ASP C 151 -6.52 1.35 1.76
CA ASP C 151 -5.78 0.10 1.84
C ASP C 151 -6.83 -1.01 1.83
N PHE C 152 -6.86 -1.79 0.77
CA PHE C 152 -7.87 -2.83 0.68
C PHE C 152 -7.54 -4.00 1.60
N PRO C 153 -8.53 -4.51 2.32
CA PRO C 153 -8.29 -5.65 3.19
C PRO C 153 -8.16 -6.91 2.35
N PRO C 154 -7.52 -7.96 2.87
CA PRO C 154 -7.42 -9.20 2.09
C PRO C 154 -8.79 -9.86 2.02
N LEU C 155 -9.16 -10.32 0.83
CA LEU C 155 -10.43 -10.97 0.63
C LEU C 155 -10.22 -12.41 0.22
N SER C 156 -11.00 -13.31 0.81
CA SER C 156 -10.88 -14.72 0.48
C SER C 156 -11.37 -14.95 -0.95
N GLU C 157 -10.99 -16.09 -1.51
CA GLU C 157 -11.40 -16.41 -2.88
C GLU C 157 -12.92 -16.57 -2.96
N GLU C 158 -13.53 -17.26 -1.98
CA GLU C 158 -14.97 -17.45 -1.99
C GLU C 158 -15.70 -16.12 -1.90
N LEU C 159 -15.19 -15.19 -1.08
CA LEU C 159 -15.83 -13.89 -0.96
C LEU C 159 -15.74 -13.12 -2.27
N ILE C 160 -14.58 -13.16 -2.93
CA ILE C 160 -14.42 -12.46 -4.21
C ILE C 160 -15.37 -13.04 -5.24
N SER C 161 -15.45 -14.37 -5.31
CA SER C 161 -16.35 -15.01 -6.26
C SER C 161 -17.80 -14.60 -6.00
N GLU C 162 -18.20 -14.58 -4.73
CA GLU C 162 -19.57 -14.20 -4.38
C GLU C 162 -19.86 -12.75 -4.73
N MET C 163 -18.92 -11.84 -4.48
CA MET C 163 -19.16 -10.44 -4.80
C MET C 163 -19.28 -10.22 -6.30
N ILE C 164 -18.58 -11.03 -7.10
CA ILE C 164 -18.67 -10.88 -8.56
C ILE C 164 -20.02 -11.39 -9.06
N ARG C 165 -20.52 -12.49 -8.50
CA ARG C 165 -21.79 -13.05 -8.93
C ARG C 165 -22.98 -12.21 -8.48
N HIS C 166 -22.83 -11.48 -7.38
CA HIS C 166 -23.96 -10.70 -6.87
C HIS C 166 -23.70 -9.21 -6.94
N PRO C 167 -23.79 -8.61 -8.13
CA PRO C 167 -23.55 -7.18 -8.24
C PRO C 167 -24.61 -6.37 -7.51
N TYR C 168 -24.19 -5.21 -7.01
CA TYR C 168 -24.99 -4.24 -6.28
C TYR C 168 -25.39 -4.75 -4.90
N GLU C 169 -24.94 -5.93 -4.49
CA GLU C 169 -25.23 -6.41 -3.15
C GLU C 169 -24.16 -5.93 -2.19
N THR C 170 -23.06 -5.40 -2.72
CA THR C 170 -21.99 -4.80 -1.93
C THR C 170 -22.41 -3.35 -1.79
N GLN C 171 -22.61 -2.90 -0.57
CA GLN C 171 -23.07 -1.54 -0.35
C GLN C 171 -22.15 -0.82 0.64
N SER C 172 -22.29 0.50 0.67
CA SER C 172 -21.46 1.29 1.57
C SER C 172 -22.22 2.48 2.10
N ASP C 173 -21.82 2.92 3.28
CA ASP C 173 -22.37 4.09 3.95
C ASP C 173 -21.22 5.07 4.13
N SER C 174 -21.39 6.30 3.64
CA SER C 174 -20.37 7.33 3.77
C SER C 174 -20.91 8.41 4.71
N PHE C 175 -20.39 8.41 5.94
CA PHE C 175 -20.81 9.37 6.96
C PHE C 175 -19.79 10.50 7.05
N TYR C 176 -20.25 11.73 6.83
CA TYR C 176 -19.41 12.92 6.90
C TYR C 176 -19.75 13.68 8.17
N PHE C 177 -18.78 13.78 9.07
CA PHE C 177 -18.97 14.47 10.33
C PHE C 177 -18.14 15.74 10.37
N VAL C 178 -18.68 16.75 11.03
CA VAL C 178 -18.02 18.04 11.25
C VAL C 178 -18.15 18.30 12.74
N ASP C 179 -17.01 18.40 13.43
CA ASP C 179 -16.98 18.61 14.88
C ASP C 179 -17.79 17.52 15.58
N ASP C 180 -17.63 16.29 15.11
CA ASP C 180 -18.29 15.09 15.63
C ASP C 180 -19.80 15.10 15.43
N ARG C 181 -20.31 15.91 14.51
CA ARG C 181 -21.75 15.98 14.23
C ARG C 181 -21.99 15.58 12.79
N LEU C 182 -22.90 14.62 12.58
CA LEU C 182 -23.20 14.16 11.22
C LEU C 182 -23.87 15.28 10.43
N VAL C 183 -23.32 15.57 9.26
CA VAL C 183 -23.86 16.61 8.39
C VAL C 183 -24.18 16.11 6.99
N MET C 184 -23.62 14.98 6.56
CA MET C 184 -23.88 14.42 5.24
C MET C 184 -23.84 12.90 5.35
N HIS C 185 -24.72 12.23 4.61
CA HIS C 185 -24.77 10.77 4.60
C HIS C 185 -25.05 10.33 3.18
N ASN C 186 -24.06 9.73 2.54
CA ASN C 186 -24.18 9.24 1.18
C ASN C 186 -24.16 7.73 1.18
N LYS C 187 -24.79 7.13 0.17
CA LYS C 187 -24.87 5.69 0.02
C LYS C 187 -24.45 5.26 -1.37
N ALA C 188 -24.03 4.01 -1.47
CA ALA C 188 -23.59 3.48 -2.75
C ALA C 188 -23.68 1.96 -2.74
N ASP C 189 -23.81 1.40 -3.95
CA ASP C 189 -23.82 -0.05 -4.15
C ASP C 189 -22.82 -0.31 -5.27
N TYR C 190 -22.19 -1.48 -5.25
CA TYR C 190 -21.13 -1.75 -6.21
C TYR C 190 -21.29 -3.06 -6.95
N SER C 191 -20.85 -3.04 -8.20
CA SER C 191 -20.83 -4.20 -9.07
C SER C 191 -19.39 -4.41 -9.49
N TYR C 192 -18.93 -5.64 -9.42
CA TYR C 192 -17.57 -6.01 -9.79
C TYR C 192 -17.59 -6.98 -10.96
N SER C 193 -18.58 -6.83 -11.83
CA SER C 193 -18.75 -7.67 -13.01
C SER C 193 -18.28 -6.99 -14.28
N GLY C 194 -17.86 -5.73 -14.21
CA GLY C 194 -17.42 -5.00 -15.37
C GLY C 194 -18.54 -4.21 -16.02
N GLN D 14 12.87 3.73 9.01
CA GLN D 14 13.17 3.91 10.42
C GLN D 14 14.64 3.64 10.72
N PRO D 15 15.30 4.56 11.41
CA PRO D 15 16.71 4.36 11.75
C PRO D 15 16.90 3.40 12.91
N ILE D 16 17.89 2.51 12.77
CA ILE D 16 18.22 1.51 13.78
C ILE D 16 19.61 1.82 14.31
N GLY D 17 19.70 2.07 15.62
CA GLY D 17 20.95 2.36 16.26
C GLY D 17 21.33 1.25 17.21
N PRO D 18 22.56 1.28 17.74
CA PRO D 18 22.98 0.22 18.66
C PRO D 18 22.06 0.07 19.86
N GLU D 19 21.58 1.18 20.42
CA GLU D 19 20.70 1.09 21.58
C GLU D 19 19.39 0.40 21.24
N ASP D 20 18.96 0.47 19.98
CA ASP D 20 17.71 -0.16 19.59
C ASP D 20 17.81 -1.69 19.67
N VAL D 21 18.93 -2.26 19.22
CA VAL D 21 19.08 -3.71 19.25
C VAL D 21 19.57 -4.23 20.60
N LEU D 22 20.17 -3.36 21.43
CA LEU D 22 20.66 -3.82 22.73
C LEU D 22 19.54 -4.20 23.69
N GLY D 23 18.30 -3.83 23.39
CA GLY D 23 17.16 -4.17 24.21
C GLY D 23 16.34 -5.31 23.68
N LEU D 24 16.65 -5.83 22.50
CA LEU D 24 15.89 -6.93 21.92
C LEU D 24 15.95 -8.17 22.81
N GLN D 25 14.77 -8.71 23.13
CA GLN D 25 14.66 -9.88 23.98
C GLN D 25 14.40 -11.16 23.20
N ARG D 26 14.18 -11.07 21.88
CA ARG D 26 13.92 -12.22 21.04
C ARG D 26 14.55 -12.00 19.67
N ILE D 27 14.61 -13.08 18.89
CA ILE D 27 15.15 -13.02 17.54
C ILE D 27 14.21 -12.18 16.67
N THR D 28 14.75 -11.41 15.73
CA THR D 28 13.89 -10.60 14.89
C THR D 28 13.12 -11.48 13.91
N GLY D 29 11.87 -11.10 13.64
CA GLY D 29 11.07 -11.86 12.71
C GLY D 29 11.40 -11.62 11.25
N ASP D 30 12.27 -10.65 10.99
CA ASP D 30 12.68 -10.30 9.63
C ASP D 30 13.96 -9.49 9.73
N TYR D 31 14.61 -9.29 8.59
CA TYR D 31 15.81 -8.49 8.56
C TYR D 31 15.46 -7.04 8.84
N LEU D 32 16.31 -6.37 9.62
CA LEU D 32 16.07 -4.98 9.98
C LEU D 32 16.59 -4.00 8.94
N CYS D 33 17.30 -4.48 7.92
CA CYS D 33 17.81 -3.61 6.87
C CYS D 33 17.97 -4.45 5.62
N SER D 34 18.00 -3.79 4.48
CA SER D 34 18.14 -4.46 3.21
C SER D 34 19.61 -4.51 2.80
N PRO D 35 19.98 -5.41 1.89
CA PRO D 35 21.40 -5.48 1.47
C PRO D 35 21.91 -4.17 0.89
N GLU D 36 21.03 -3.36 0.30
CA GLU D 36 21.45 -2.09 -0.28
C GLU D 36 21.88 -1.09 0.77
N GLU D 37 21.41 -1.23 2.02
CA GLU D 37 21.81 -0.31 3.07
C GLU D 37 23.28 -0.45 3.42
N ASN D 38 23.93 -1.50 2.93
CA ASN D 38 25.37 -1.72 3.15
C ASN D 38 26.11 -0.84 2.14
N ILE D 39 26.02 0.47 2.36
CA ILE D 39 26.63 1.44 1.46
C ILE D 39 28.15 1.43 1.54
N TYR D 40 28.73 0.85 2.59
CA TYR D 40 30.18 0.80 2.70
C TYR D 40 30.76 -0.39 1.98
N LYS D 41 29.94 -1.15 1.27
CA LYS D 41 30.36 -2.31 0.47
C LYS D 41 31.25 -3.26 1.27
N ILE D 42 30.80 -3.57 2.49
CA ILE D 42 31.53 -4.48 3.36
C ILE D 42 31.15 -5.90 2.96
N ASP D 43 32.13 -6.71 2.59
CA ASP D 43 31.89 -8.08 2.15
C ASP D 43 32.81 -9.03 2.90
N PHE D 44 32.22 -9.95 3.66
CA PHE D 44 32.99 -10.94 4.42
C PHE D 44 33.42 -12.04 3.46
N VAL D 45 34.72 -12.27 3.39
CA VAL D 45 35.29 -13.27 2.49
C VAL D 45 35.90 -14.47 3.21
N ARG D 46 36.11 -14.37 4.53
CA ARG D 46 36.69 -15.49 5.26
C ARG D 46 36.21 -15.41 6.70
N PHE D 47 35.95 -16.58 7.28
CA PHE D 47 35.50 -16.68 8.66
C PHE D 47 36.15 -17.91 9.26
N LYS D 48 36.75 -17.75 10.43
CA LYS D 48 37.44 -18.85 11.10
C LYS D 48 37.14 -18.77 12.59
N ILE D 49 36.82 -19.93 13.17
CA ILE D 49 36.49 -20.06 14.58
C ILE D 49 37.44 -21.07 15.21
N ARG D 50 38.05 -20.70 16.33
CA ARG D 50 38.96 -21.63 16.99
C ARG D 50 38.79 -21.56 18.50
N ASP D 51 39.04 -22.70 19.14
CA ASP D 51 38.96 -22.84 20.59
C ASP D 51 40.23 -22.25 21.19
N MET D 52 40.10 -21.13 21.92
CA MET D 52 41.27 -20.50 22.51
C MET D 52 41.99 -21.38 23.53
N ASP D 53 41.29 -22.33 24.14
CA ASP D 53 41.94 -23.20 25.13
C ASP D 53 42.64 -24.40 24.51
N SER D 54 42.43 -24.67 23.23
CA SER D 54 43.08 -25.80 22.58
C SER D 54 43.64 -25.51 21.21
N GLY D 55 43.37 -24.35 20.62
CA GLY D 55 43.87 -24.04 19.30
C GLY D 55 43.16 -24.78 18.19
N THR D 56 42.19 -25.63 18.53
CA THR D 56 41.46 -26.39 17.52
C THR D 56 40.59 -25.46 16.69
N VAL D 57 40.69 -25.58 15.37
CA VAL D 57 39.88 -24.78 14.47
C VAL D 57 38.50 -25.44 14.43
N LEU D 58 37.49 -24.76 14.98
CA LEU D 58 36.14 -25.31 15.06
C LEU D 58 35.34 -25.11 13.77
N PHE D 59 35.67 -24.10 12.97
CA PHE D 59 34.96 -23.85 11.73
C PHE D 59 35.77 -22.89 10.89
N GLU D 60 35.75 -23.08 9.57
CA GLU D 60 36.45 -22.20 8.64
C GLU D 60 35.76 -22.29 7.30
N ILE D 61 35.62 -21.14 6.63
CA ILE D 61 35.00 -21.05 5.33
C ILE D 61 35.59 -19.86 4.60
N LYS D 62 35.83 -20.04 3.30
CA LYS D 62 36.39 -19.00 2.45
C LYS D 62 35.47 -18.83 1.25
N LYS D 63 35.20 -17.58 0.88
CA LYS D 63 34.34 -17.28 -0.24
C LYS D 63 35.19 -16.91 -1.45
N PRO D 64 35.31 -17.79 -2.47
CA PRO D 64 36.11 -17.50 -3.66
C PRO D 64 35.41 -16.57 -4.65
N ALA D 81 18.71 -15.54 -0.27
CA ALA D 81 18.99 -14.35 0.53
C ALA D 81 20.48 -14.08 0.63
N GLY D 82 21.22 -15.05 1.15
CA GLY D 82 22.66 -14.93 1.32
C GLY D 82 23.10 -14.36 2.66
N ARG D 83 22.17 -13.91 3.49
CA ARG D 83 22.47 -13.33 4.79
C ARG D 83 22.22 -14.30 5.95
N PHE D 84 21.98 -15.58 5.66
CA PHE D 84 21.73 -16.57 6.68
C PHE D 84 22.77 -17.68 6.58
N VAL D 85 23.24 -18.16 7.73
CA VAL D 85 24.23 -19.22 7.80
C VAL D 85 23.78 -20.25 8.83
N ARG D 86 24.03 -21.52 8.55
CA ARG D 86 23.70 -22.60 9.45
C ARG D 86 25.00 -23.20 9.96
N TYR D 87 25.15 -23.26 11.28
CA TYR D 87 26.37 -23.79 11.87
C TYR D 87 26.11 -25.16 12.48
N GLN D 88 27.10 -26.04 12.35
CA GLN D 88 27.05 -27.39 12.88
C GLN D 88 28.27 -27.56 13.78
N PHE D 89 28.05 -27.52 15.09
CA PHE D 89 29.10 -27.68 16.09
C PHE D 89 28.86 -28.95 16.88
N THR D 90 29.80 -29.27 17.75
CA THR D 90 29.72 -30.43 18.61
C THR D 90 29.17 -30.02 19.96
N PRO D 91 28.71 -30.97 20.78
CA PRO D 91 28.19 -30.59 22.10
C PRO D 91 29.25 -29.99 23.00
N ALA D 92 30.54 -30.28 22.77
CA ALA D 92 31.60 -29.71 23.59
C ALA D 92 31.71 -28.20 23.40
N PHE D 93 31.23 -27.70 22.26
CA PHE D 93 31.25 -26.27 21.97
C PHE D 93 30.54 -25.48 23.06
N LEU D 94 29.43 -26.01 23.56
CA LEU D 94 28.66 -25.33 24.61
C LEU D 94 29.42 -25.22 25.93
N ARG D 95 30.46 -26.01 26.12
CA ARG D 95 31.24 -25.97 27.36
C ARG D 95 32.56 -25.22 27.19
N LEU D 96 32.80 -24.64 26.02
CA LEU D 96 34.03 -23.89 25.78
C LEU D 96 34.03 -22.60 26.60
N ARG D 97 35.23 -22.19 27.02
CA ARG D 97 35.36 -20.98 27.79
C ARG D 97 35.56 -19.76 26.90
N GLN D 98 36.41 -19.87 25.89
CA GLN D 98 36.69 -18.74 25.02
C GLN D 98 36.94 -19.19 23.59
N VAL D 99 36.38 -18.45 22.65
CA VAL D 99 36.49 -18.76 21.22
C VAL D 99 36.99 -17.51 20.50
N GLY D 100 37.96 -17.69 19.61
CA GLY D 100 38.49 -16.58 18.82
C GLY D 100 37.99 -16.70 17.41
N ALA D 101 37.31 -15.67 16.91
CA ALA D 101 36.75 -15.67 15.57
C ALA D 101 37.50 -14.68 14.69
N THR D 102 38.13 -15.19 13.63
CA THR D 102 38.87 -14.37 12.69
C THR D 102 38.00 -14.12 11.47
N VAL D 103 37.82 -12.85 11.12
CA VAL D 103 37.00 -12.47 9.98
C VAL D 103 37.85 -11.65 9.02
N GLU D 104 37.69 -11.93 7.74
CA GLU D 104 38.38 -11.21 6.67
C GLU D 104 37.29 -10.58 5.83
N PHE D 105 37.40 -9.29 5.57
CA PHE D 105 36.38 -8.62 4.81
C PHE D 105 36.99 -7.48 4.01
N THR D 106 36.36 -7.18 2.88
CA THR D 106 36.77 -6.09 2.00
C THR D 106 35.80 -4.94 2.22
N VAL D 107 36.30 -3.73 2.00
CA VAL D 107 35.50 -2.53 2.20
C VAL D 107 35.57 -1.68 0.95
N GLY D 108 34.53 -0.88 0.73
CA GLY D 108 34.48 0.00 -0.41
C GLY D 108 35.44 1.17 -0.19
N ASP D 109 35.29 2.17 -1.05
CA ASP D 109 36.15 3.35 -0.99
C ASP D 109 35.71 4.35 0.07
N LYS D 110 34.51 4.23 0.62
CA LYS D 110 34.05 5.18 1.62
C LYS D 110 34.64 4.83 2.99
N PRO D 111 35.10 5.83 3.75
CA PRO D 111 35.65 5.54 5.08
C PRO D 111 34.60 4.97 6.00
N VAL D 112 35.00 3.98 6.80
CA VAL D 112 34.11 3.29 7.73
C VAL D 112 34.51 3.68 9.15
N ASN D 113 33.70 4.51 9.77
CA ASN D 113 33.96 4.97 11.13
C ASN D 113 33.12 4.20 12.14
N ASN D 114 33.78 3.73 13.20
CA ASN D 114 33.16 3.01 14.30
C ASN D 114 32.40 1.77 13.82
N PHE D 115 33.06 0.94 13.01
CA PHE D 115 32.47 -0.30 12.55
C PHE D 115 32.24 -1.17 13.78
N ARG D 116 30.98 -1.47 14.08
CA ARG D 116 30.63 -2.21 15.28
C ARG D 116 29.67 -3.34 14.97
N MET D 117 29.83 -4.45 15.70
CA MET D 117 28.96 -5.60 15.54
C MET D 117 28.33 -5.94 16.89
N ILE D 118 27.03 -6.20 16.87
CA ILE D 118 26.28 -6.60 18.06
C ILE D 118 25.59 -7.90 17.68
N GLU D 119 26.08 -9.00 18.24
CA GLU D 119 25.58 -10.34 17.95
C GLU D 119 24.85 -10.84 19.18
N ARG D 120 23.59 -11.20 19.00
CA ARG D 120 22.76 -11.69 20.10
C ARG D 120 22.31 -13.11 19.80
N HIS D 121 22.58 -14.01 20.74
CA HIS D 121 22.23 -15.41 20.61
C HIS D 121 21.03 -15.71 21.49
N TYR D 122 20.04 -16.41 20.92
CA TYR D 122 18.82 -16.75 21.62
C TYR D 122 18.49 -18.22 21.47
N PHE D 123 17.76 -18.74 22.45
CA PHE D 123 17.28 -20.12 22.44
C PHE D 123 15.87 -20.10 22.98
N ARG D 124 14.91 -20.45 22.11
CA ARG D 124 13.49 -20.48 22.45
C ARG D 124 13.03 -19.13 23.01
N ASN D 125 13.27 -18.08 22.21
CA ASN D 125 12.90 -16.71 22.54
C ASN D 125 13.47 -16.25 23.88
N GLN D 126 14.69 -16.69 24.19
CA GLN D 126 15.34 -16.32 25.44
C GLN D 126 16.78 -15.93 25.13
N LEU D 127 17.16 -14.72 25.52
CA LEU D 127 18.52 -14.25 25.26
C LEU D 127 19.53 -15.03 26.09
N LEU D 128 20.53 -15.58 25.40
CA LEU D 128 21.59 -16.32 26.05
C LEU D 128 22.85 -15.47 26.27
N LYS D 129 23.17 -14.63 25.29
CA LYS D 129 24.35 -13.79 25.38
C LYS D 129 24.34 -12.78 24.25
N SER D 130 24.77 -11.57 24.53
CA SER D 130 24.90 -10.51 23.55
C SER D 130 26.37 -10.14 23.46
N PHE D 131 26.91 -10.13 22.25
CA PHE D 131 28.31 -9.79 22.03
C PHE D 131 28.39 -8.45 21.33
N ASP D 132 29.26 -7.57 21.82
CA ASP D 132 29.45 -6.24 21.25
C ASP D 132 30.94 -6.12 20.91
N PHE D 133 31.24 -6.07 19.62
CA PHE D 133 32.61 -5.99 19.14
C PHE D 133 32.80 -4.79 18.23
N HIS D 134 34.01 -4.24 18.27
CA HIS D 134 34.43 -3.14 17.43
C HIS D 134 35.49 -3.69 16.49
N PHE D 135 35.46 -3.29 15.23
CA PHE D 135 36.43 -3.77 14.27
C PHE D 135 37.68 -2.92 14.18
N GLY D 136 37.73 -1.80 14.88
CA GLY D 136 38.90 -0.94 14.78
C GLY D 136 38.87 -0.22 13.44
N PHE D 137 40.04 0.23 13.01
CA PHE D 137 40.11 0.93 11.74
C PHE D 137 39.96 -0.04 10.58
N CYS D 138 39.15 0.35 9.60
CA CYS D 138 38.91 -0.44 8.40
C CYS D 138 39.58 0.27 7.23
N ILE D 139 40.54 -0.40 6.60
CA ILE D 139 41.25 0.19 5.46
C ILE D 139 40.30 0.22 4.28
N PRO D 140 39.98 1.39 3.74
CA PRO D 140 39.06 1.45 2.60
C PRO D 140 39.68 0.83 1.34
N SER D 141 38.79 0.32 0.48
CA SER D 141 39.17 -0.29 -0.79
C SER D 141 40.19 -1.41 -0.62
N SER D 142 40.16 -2.11 0.50
CA SER D 142 41.14 -3.17 0.70
C SER D 142 40.59 -4.25 1.61
N LYS D 143 41.35 -5.32 1.71
CA LYS D 143 41.00 -6.44 2.57
C LYS D 143 41.38 -6.11 4.01
N ASN D 144 40.46 -6.41 4.93
CA ASN D 144 40.67 -6.17 6.34
C ASN D 144 40.51 -7.48 7.09
N THR D 145 41.32 -7.67 8.13
CA THR D 145 41.27 -8.87 8.94
C THR D 145 41.12 -8.47 10.39
N CYS D 146 40.20 -9.12 11.10
CA CYS D 146 39.97 -8.81 12.50
C CYS D 146 39.68 -10.09 13.26
N GLU D 147 40.09 -10.11 14.53
CA GLU D 147 39.88 -11.25 15.41
C GLU D 147 38.97 -10.81 16.55
N HIS D 148 37.92 -11.60 16.80
CA HIS D 148 36.96 -11.33 17.85
C HIS D 148 37.08 -12.45 18.89
N ILE D 149 37.20 -12.06 20.15
CA ILE D 149 37.33 -13.01 21.25
C ILE D 149 35.97 -13.11 21.93
N TYR D 150 35.37 -14.29 21.89
CA TYR D 150 34.06 -14.54 22.47
C TYR D 150 34.23 -15.20 23.84
N ASP D 151 33.82 -14.51 24.89
CA ASP D 151 33.87 -15.03 26.25
C ASP D 151 32.52 -15.69 26.47
N PHE D 152 32.48 -17.02 26.40
CA PHE D 152 31.23 -17.74 26.56
C PHE D 152 30.71 -17.61 27.99
N PRO D 153 29.41 -17.44 28.16
CA PRO D 153 28.84 -17.33 29.51
C PRO D 153 28.60 -18.72 30.08
N PRO D 154 28.52 -18.86 31.40
CA PRO D 154 28.26 -20.19 31.97
C PRO D 154 26.83 -20.57 31.67
N LEU D 155 26.63 -21.80 31.21
CA LEU D 155 25.31 -22.29 30.86
C LEU D 155 24.88 -23.37 31.83
N SER D 156 23.59 -23.40 32.14
CA SER D 156 23.08 -24.41 33.03
C SER D 156 23.07 -25.76 32.32
N GLU D 157 23.24 -26.83 33.10
CA GLU D 157 23.23 -28.17 32.52
C GLU D 157 21.91 -28.44 31.82
N GLU D 158 20.81 -27.95 32.40
CA GLU D 158 19.51 -28.15 31.78
C GLU D 158 19.41 -27.41 30.45
N LEU D 159 19.99 -26.21 30.37
CA LEU D 159 19.97 -25.47 29.11
C LEU D 159 20.85 -26.15 28.06
N ILE D 160 22.04 -26.61 28.48
CA ILE D 160 22.94 -27.29 27.54
C ILE D 160 22.26 -28.52 26.97
N SER D 161 21.57 -29.29 27.82
CA SER D 161 20.87 -30.48 27.36
C SER D 161 19.84 -30.14 26.30
N GLU D 162 19.05 -29.09 26.55
CA GLU D 162 18.01 -28.69 25.61
C GLU D 162 18.60 -28.20 24.29
N MET D 163 19.68 -27.44 24.35
CA MET D 163 20.29 -26.95 23.11
C MET D 163 20.83 -28.09 22.26
N ILE D 164 21.30 -29.17 22.90
CA ILE D 164 21.82 -30.30 22.15
C ILE D 164 20.68 -31.08 21.49
N ARG D 165 19.60 -31.34 22.24
CA ARG D 165 18.49 -32.11 21.70
C ARG D 165 17.59 -31.33 20.75
N HIS D 166 17.75 -30.02 20.64
CA HIS D 166 16.92 -29.21 19.74
C HIS D 166 17.82 -28.41 18.82
N PRO D 167 18.46 -29.06 17.85
CA PRO D 167 19.35 -28.35 16.93
C PRO D 167 18.61 -27.34 16.08
N TYR D 168 19.32 -26.25 15.75
CA TYR D 168 18.87 -25.12 14.96
C TYR D 168 17.86 -24.27 15.68
N GLU D 169 17.53 -24.59 16.94
CA GLU D 169 16.62 -23.76 17.70
C GLU D 169 17.36 -22.61 18.37
N THR D 170 18.69 -22.70 18.41
CA THR D 170 19.52 -21.63 18.91
C THR D 170 19.75 -20.74 17.70
N GLN D 171 19.42 -19.46 17.83
CA GLN D 171 19.55 -18.55 16.69
C GLN D 171 20.28 -17.29 17.10
N SER D 172 20.78 -16.57 16.09
CA SER D 172 21.51 -15.35 16.35
C SER D 172 21.22 -14.29 15.30
N ASP D 173 21.33 -13.04 15.75
CA ASP D 173 21.17 -11.84 14.94
C ASP D 173 22.50 -11.11 15.00
N SER D 174 23.10 -10.87 13.84
CA SER D 174 24.36 -10.15 13.76
C SER D 174 24.04 -8.77 13.20
N PHE D 175 24.11 -7.75 14.05
CA PHE D 175 23.82 -6.38 13.65
C PHE D 175 25.14 -5.64 13.47
N TYR D 176 25.35 -5.09 12.28
CA TYR D 176 26.57 -4.35 11.96
C TYR D 176 26.23 -2.88 11.83
N PHE D 177 26.93 -2.06 12.62
CA PHE D 177 26.71 -0.62 12.64
C PHE D 177 27.95 0.13 12.21
N VAL D 178 27.73 1.21 11.46
CA VAL D 178 28.76 2.12 11.02
C VAL D 178 28.24 3.50 11.37
N ASP D 179 29.00 4.25 12.16
CA ASP D 179 28.61 5.59 12.60
C ASP D 179 27.27 5.54 13.34
N ASP D 180 27.08 4.50 14.17
CA ASP D 180 25.88 4.26 14.94
C ASP D 180 24.64 3.97 14.10
N ARG D 181 24.81 3.66 12.81
CA ARG D 181 23.68 3.37 11.94
C ARG D 181 23.78 1.94 11.43
N LEU D 182 22.65 1.24 11.44
CA LEU D 182 22.61 -0.14 10.98
C LEU D 182 22.87 -0.22 9.49
N VAL D 183 23.86 -1.02 9.11
CA VAL D 183 24.19 -1.18 7.70
C VAL D 183 24.09 -2.61 7.20
N MET D 184 24.20 -3.61 8.09
CA MET D 184 24.08 -5.02 7.71
C MET D 184 23.39 -5.78 8.83
N HIS D 185 22.68 -6.83 8.45
CA HIS D 185 21.98 -7.68 9.42
C HIS D 185 22.02 -9.09 8.88
N ASN D 186 22.76 -9.97 9.55
CA ASN D 186 22.88 -11.36 9.17
C ASN D 186 22.27 -12.23 10.27
N LYS D 187 21.81 -13.42 9.88
CA LYS D 187 21.17 -14.35 10.79
C LYS D 187 21.81 -15.72 10.70
N ALA D 188 21.61 -16.51 11.74
CA ALA D 188 22.16 -17.85 11.76
C ALA D 188 21.42 -18.70 12.78
N ASP D 189 21.51 -20.02 12.58
CA ASP D 189 20.94 -20.98 13.50
C ASP D 189 22.05 -21.97 13.82
N TYR D 190 21.98 -22.59 14.98
CA TYR D 190 23.07 -23.46 15.37
C TYR D 190 22.64 -24.83 15.87
N SER D 191 23.47 -25.81 15.56
CA SER D 191 23.31 -27.18 16.00
C SER D 191 24.56 -27.53 16.79
N TYR D 192 24.37 -28.14 17.96
CA TYR D 192 25.46 -28.56 18.81
C TYR D 192 25.39 -30.07 18.99
N SER D 193 24.86 -30.75 17.98
CA SER D 193 24.68 -32.20 17.96
C SER D 193 25.82 -32.94 17.27
N GLY D 194 26.86 -32.23 16.84
CA GLY D 194 27.99 -32.87 16.17
C GLY D 194 27.66 -33.72 14.96
N PRO E 15 -5.50 44.80 17.92
CA PRO E 15 -5.27 43.58 17.14
C PRO E 15 -4.47 42.52 17.89
N ILE E 16 -4.04 41.49 17.17
CA ILE E 16 -3.28 40.38 17.73
C ILE E 16 -1.80 40.72 17.78
N GLY E 17 -1.16 40.40 18.90
CA GLY E 17 0.25 40.63 19.09
C GLY E 17 1.01 39.32 19.17
N PRO E 18 2.34 39.36 19.11
CA PRO E 18 3.11 38.12 19.17
C PRO E 18 2.85 37.29 20.43
N GLU E 19 2.68 37.96 21.57
CA GLU E 19 2.41 37.24 22.81
C GLU E 19 1.07 36.50 22.76
N ASP E 20 0.14 36.94 21.89
CA ASP E 20 -1.16 36.30 21.79
C ASP E 20 -1.09 34.95 21.10
N VAL E 21 -0.09 34.71 20.25
CA VAL E 21 0.05 33.44 19.54
C VAL E 21 1.16 32.58 20.08
N LEU E 22 2.05 33.11 20.91
CA LEU E 22 3.17 32.32 21.42
C LEU E 22 2.75 31.22 22.37
N GLY E 23 1.57 31.32 22.98
CA GLY E 23 1.09 30.29 23.89
C GLY E 23 -0.04 29.45 23.36
N LEU E 24 -0.43 29.61 22.10
CA LEU E 24 -1.54 28.84 21.55
C LEU E 24 -1.21 27.35 21.55
N GLN E 25 -2.12 26.56 22.10
CA GLN E 25 -1.92 25.12 22.17
C GLN E 25 -2.75 24.36 21.16
N ARG E 26 -3.48 25.06 20.30
CA ARG E 26 -4.30 24.44 19.27
C ARG E 26 -4.28 25.32 18.02
N ILE E 27 -4.57 24.67 16.89
CA ILE E 27 -4.66 25.41 15.63
C ILE E 27 -5.87 26.34 15.72
N THR E 28 -5.78 27.49 15.07
CA THR E 28 -6.89 28.44 15.12
C THR E 28 -8.05 27.93 14.28
N GLY E 29 -9.27 28.24 14.73
CA GLY E 29 -10.44 27.82 13.99
C GLY E 29 -10.70 28.62 12.74
N ASP E 30 -10.10 29.80 12.63
CA ASP E 30 -10.28 30.66 11.47
C ASP E 30 -9.07 31.59 11.39
N TYR E 31 -8.94 32.29 10.28
CA TYR E 31 -7.85 33.23 10.12
C TYR E 31 -8.05 34.37 11.13
N LEU E 32 -6.96 34.80 11.75
CA LEU E 32 -7.02 35.86 12.75
C LEU E 32 -6.88 37.25 12.15
N CYS E 33 -6.87 37.36 10.83
CA CYS E 33 -6.77 38.66 10.19
C CYS E 33 -7.19 38.52 8.74
N SER E 34 -7.84 39.56 8.22
CA SER E 34 -8.29 39.57 6.86
C SER E 34 -7.13 39.89 5.93
N PRO E 35 -7.22 39.54 4.64
CA PRO E 35 -6.12 39.86 3.72
C PRO E 35 -5.85 41.34 3.63
N GLU E 36 -6.87 42.17 3.90
CA GLU E 36 -6.72 43.62 3.83
C GLU E 36 -5.79 44.17 4.92
N GLU E 37 -5.47 43.37 5.93
CA GLU E 37 -4.58 43.83 6.99
C GLU E 37 -3.12 43.77 6.57
N ASN E 38 -2.84 43.25 5.37
CA ASN E 38 -1.49 43.21 4.82
C ASN E 38 -1.17 44.61 4.28
N ILE E 39 -1.24 45.57 5.19
CA ILE E 39 -1.02 46.99 4.92
C ILE E 39 0.32 47.25 4.23
N TYR E 40 1.29 46.38 4.42
CA TYR E 40 2.61 46.55 3.82
C TYR E 40 2.74 45.87 2.46
N LYS E 41 1.65 45.30 1.94
CA LYS E 41 1.64 44.63 0.64
C LYS E 41 2.77 43.61 0.54
N ILE E 42 2.91 42.78 1.56
CA ILE E 42 3.92 41.74 1.56
C ILE E 42 3.37 40.57 0.77
N ASP E 43 4.12 40.12 -0.24
CA ASP E 43 3.68 39.03 -1.12
C ASP E 43 4.80 38.02 -1.28
N PHE E 44 4.56 36.80 -0.82
CA PHE E 44 5.56 35.74 -0.94
C PHE E 44 5.52 35.20 -2.37
N VAL E 45 6.65 35.29 -3.07
CA VAL E 45 6.75 34.89 -4.46
C VAL E 45 7.57 33.63 -4.68
N ARG E 46 8.33 33.18 -3.69
CA ARG E 46 9.13 31.98 -3.87
C ARG E 46 9.33 31.32 -2.52
N PHE E 47 9.20 30.00 -2.51
CA PHE E 47 9.35 29.20 -1.30
C PHE E 47 10.03 27.90 -1.68
N LYS E 48 11.32 27.77 -1.37
CA LYS E 48 12.09 26.58 -1.66
C LYS E 48 12.61 26.02 -0.35
N ILE E 49 12.36 24.73 -0.12
CA ILE E 49 12.78 24.06 1.10
C ILE E 49 13.69 22.90 0.73
N ARG E 50 14.79 22.77 1.47
CA ARG E 50 15.75 21.70 1.21
C ARG E 50 16.17 21.06 2.53
N ASP E 51 16.63 19.82 2.42
CA ASP E 51 17.10 19.06 3.57
C ASP E 51 18.51 19.55 3.87
N MET E 52 18.69 20.17 5.03
CA MET E 52 20.01 20.70 5.40
C MET E 52 21.07 19.61 5.51
N ASP E 53 20.66 18.37 5.81
CA ASP E 53 21.63 17.29 5.95
C ASP E 53 22.10 16.76 4.60
N SER E 54 21.18 16.22 3.81
CA SER E 54 21.56 15.68 2.51
C SER E 54 21.71 16.75 1.43
N GLY E 55 21.16 17.94 1.65
CA GLY E 55 21.24 19.01 0.67
C GLY E 55 20.20 18.94 -0.42
N THR E 56 19.40 17.87 -0.45
CA THR E 56 18.38 17.69 -1.47
C THR E 56 17.27 18.73 -1.34
N VAL E 57 16.85 19.27 -2.49
CA VAL E 57 15.74 20.22 -2.52
C VAL E 57 14.46 19.41 -2.47
N LEU E 58 13.65 19.64 -1.44
CA LEU E 58 12.42 18.87 -1.26
C LEU E 58 11.22 19.45 -2.00
N PHE E 59 10.99 20.75 -1.87
CA PHE E 59 9.84 21.39 -2.47
C PHE E 59 10.21 22.80 -2.88
N GLU E 60 9.54 23.31 -3.90
CA GLU E 60 9.80 24.66 -4.39
C GLU E 60 8.57 25.15 -5.13
N ILE E 61 8.08 26.32 -4.76
CA ILE E 61 6.91 26.92 -5.40
C ILE E 61 7.20 28.39 -5.66
N LYS E 62 6.83 28.86 -6.85
CA LYS E 62 7.01 30.24 -7.26
C LYS E 62 5.68 30.77 -7.77
N LYS E 63 5.43 32.05 -7.51
CA LYS E 63 4.22 32.73 -7.93
C LYS E 63 4.59 34.18 -8.19
N PRO E 64 4.12 34.77 -9.29
CA PRO E 64 4.45 36.17 -9.56
C PRO E 64 3.81 37.07 -8.52
N PRO E 65 4.41 38.22 -8.24
CA PRO E 65 3.82 39.14 -7.26
C PRO E 65 2.52 39.75 -7.79
N VAL E 66 1.77 40.34 -6.88
CA VAL E 66 0.50 40.97 -7.24
C VAL E 66 0.72 42.11 -8.23
N ALA E 81 -7.21 33.48 -0.83
CA ALA E 81 -6.34 34.40 -1.54
C ALA E 81 -4.87 34.01 -1.35
N GLY E 82 -4.56 32.74 -1.57
CA GLY E 82 -3.20 32.25 -1.42
C GLY E 82 -2.76 32.13 0.03
N ARG E 83 -3.70 31.99 0.96
CA ARG E 83 -3.41 31.87 2.37
C ARG E 83 -3.48 30.43 2.88
N PHE E 84 -3.52 29.45 1.99
CA PHE E 84 -3.59 28.07 2.42
C PHE E 84 -2.83 27.18 1.44
N VAL E 85 -2.08 26.23 2.00
CA VAL E 85 -1.30 25.29 1.20
C VAL E 85 -1.45 23.90 1.80
N ARG E 86 -1.75 22.92 0.96
CA ARG E 86 -1.89 21.53 1.38
C ARG E 86 -0.65 20.81 0.87
N TYR E 87 0.22 20.40 1.79
CA TYR E 87 1.46 19.72 1.42
C TYR E 87 1.29 18.21 1.41
N GLN E 88 1.82 17.59 0.36
CA GLN E 88 1.79 16.13 0.18
C GLN E 88 3.23 15.68 0.36
N PHE E 89 3.56 15.20 1.55
CA PHE E 89 4.90 14.75 1.86
C PHE E 89 4.94 13.23 1.99
N THR E 90 6.15 12.71 2.20
CA THR E 90 6.45 11.31 2.36
C THR E 90 6.83 11.03 3.81
N PRO E 91 6.77 9.76 4.24
CA PRO E 91 7.15 9.44 5.63
C PRO E 91 8.56 9.88 5.97
N ALA E 92 9.47 9.87 4.99
CA ALA E 92 10.86 10.28 5.25
C ALA E 92 10.97 11.71 5.71
N PHE E 93 9.96 12.55 5.42
CA PHE E 93 10.01 13.94 5.86
C PHE E 93 10.01 14.06 7.37
N LEU E 94 9.25 13.20 8.05
CA LEU E 94 9.17 13.24 9.51
C LEU E 94 10.48 12.88 10.19
N ARG E 95 11.41 12.22 9.50
CA ARG E 95 12.68 11.85 10.09
C ARG E 95 13.79 12.86 9.81
N LEU E 96 13.47 13.98 9.15
CA LEU E 96 14.46 14.99 8.86
C LEU E 96 14.85 15.73 10.14
N ARG E 97 16.11 16.15 10.21
CA ARG E 97 16.60 16.87 11.37
C ARG E 97 16.50 18.38 11.19
N GLN E 98 17.13 18.91 10.14
CA GLN E 98 17.13 20.34 9.87
C GLN E 98 16.68 20.61 8.45
N VAL E 99 15.72 21.53 8.30
CA VAL E 99 15.17 21.91 7.00
C VAL E 99 15.44 23.39 6.79
N GLY E 100 15.97 23.72 5.61
CA GLY E 100 16.27 25.09 5.25
C GLY E 100 15.28 25.55 4.19
N ALA E 101 14.60 26.66 4.48
CA ALA E 101 13.61 27.22 3.58
C ALA E 101 14.06 28.58 3.08
N THR E 102 14.09 28.74 1.76
CA THR E 102 14.47 30.00 1.13
C THR E 102 13.18 30.71 0.77
N VAL E 103 13.01 31.91 1.29
CA VAL E 103 11.80 32.71 1.08
C VAL E 103 12.15 33.98 0.31
N GLU E 104 11.39 34.25 -0.73
CA GLU E 104 11.54 35.45 -1.54
C GLU E 104 10.20 36.15 -1.53
N PHE E 105 10.21 37.45 -1.30
CA PHE E 105 8.96 38.19 -1.20
C PHE E 105 9.16 39.64 -1.57
N THR E 106 8.10 40.24 -2.11
CA THR E 106 8.10 41.65 -2.47
C THR E 106 7.44 42.43 -1.34
N VAL E 107 7.78 43.71 -1.26
CA VAL E 107 7.25 44.60 -0.23
C VAL E 107 6.75 45.85 -0.94
N GLY E 108 5.73 46.48 -0.35
CA GLY E 108 5.17 47.69 -0.92
C GLY E 108 6.09 48.86 -0.70
N ASP E 109 5.53 50.06 -0.90
CA ASP E 109 6.31 51.28 -0.71
C ASP E 109 6.53 51.62 0.76
N LYS E 110 5.61 51.23 1.63
CA LYS E 110 5.75 51.52 3.05
C LYS E 110 6.89 50.72 3.64
N PRO E 111 7.79 51.33 4.41
CA PRO E 111 8.88 50.56 5.00
C PRO E 111 8.34 49.53 5.99
N VAL E 112 9.01 48.39 6.04
CA VAL E 112 8.63 47.29 6.94
C VAL E 112 9.71 47.17 7.98
N ASN E 113 9.35 47.39 9.24
CA ASN E 113 10.29 47.30 10.34
C ASN E 113 9.86 46.16 11.26
N ASN E 114 10.84 45.36 11.66
CA ASN E 114 10.61 44.23 12.56
C ASN E 114 9.60 43.24 11.97
N PHE E 115 9.94 42.73 10.79
CA PHE E 115 9.10 41.74 10.13
C PHE E 115 9.38 40.41 10.82
N ARG E 116 8.37 39.84 11.47
CA ARG E 116 8.53 38.62 12.22
C ARG E 116 7.46 37.60 11.85
N MET E 117 7.84 36.32 11.95
CA MET E 117 6.95 35.23 11.62
C MET E 117 7.02 34.16 12.71
N ILE E 118 5.87 33.79 13.24
CA ILE E 118 5.75 32.76 14.25
C ILE E 118 4.88 31.66 13.62
N GLU E 119 5.49 30.51 13.36
CA GLU E 119 4.84 29.38 12.73
C GLU E 119 4.69 28.27 13.76
N ARG E 120 3.44 27.80 13.96
CA ARG E 120 3.14 26.77 14.95
C ARG E 120 2.51 25.56 14.27
N HIS E 121 3.13 24.39 14.44
CA HIS E 121 2.67 23.14 13.85
C HIS E 121 2.03 22.28 14.93
N TYR E 122 0.82 21.79 14.65
CA TYR E 122 0.07 20.98 15.58
C TYR E 122 -0.37 19.67 14.93
N PHE E 123 -0.56 18.66 15.77
CA PHE E 123 -1.05 17.36 15.35
C PHE E 123 -2.13 16.97 16.35
N ARG E 124 -3.37 16.94 15.88
CA ARG E 124 -4.53 16.56 16.70
C ARG E 124 -4.58 17.36 18.00
N ASN E 125 -4.62 18.68 17.86
CA ASN E 125 -4.70 19.61 18.98
C ASN E 125 -3.51 19.52 19.93
N GLN E 126 -2.37 18.99 19.47
CA GLN E 126 -1.18 18.90 20.30
C GLN E 126 -0.04 19.64 19.60
N LEU E 127 0.46 20.69 20.25
CA LEU E 127 1.53 21.46 19.66
C LEU E 127 2.78 20.60 19.47
N LEU E 128 3.30 20.59 18.24
CA LEU E 128 4.50 19.84 17.94
C LEU E 128 5.74 20.73 17.96
N LYS E 129 5.63 21.92 17.39
CA LYS E 129 6.77 22.82 17.37
C LYS E 129 6.32 24.18 16.90
N SER E 130 6.92 25.22 17.49
CA SER E 130 6.67 26.60 17.12
C SER E 130 8.02 27.18 16.68
N PHE E 131 8.01 27.91 15.57
CA PHE E 131 9.22 28.52 15.03
C PHE E 131 9.03 30.03 15.03
N ASP E 132 10.02 30.75 15.53
CA ASP E 132 10.01 32.20 15.65
C ASP E 132 11.17 32.74 14.83
N PHE E 133 10.88 33.28 13.65
CA PHE E 133 11.88 33.81 12.75
C PHE E 133 11.74 35.33 12.63
N HIS E 134 12.87 36.01 12.53
CA HIS E 134 12.91 37.45 12.37
C HIS E 134 13.55 37.72 11.02
N PHE E 135 12.80 38.36 10.14
CA PHE E 135 13.32 38.67 8.82
C PHE E 135 14.40 39.74 8.93
N GLY E 136 15.30 39.74 7.95
CA GLY E 136 16.36 40.73 7.93
C GLY E 136 15.77 42.06 7.51
N PHE E 137 16.60 43.01 7.11
CA PHE E 137 16.07 44.30 6.70
C PHE E 137 15.30 44.13 5.39
N CYS E 138 14.11 44.71 5.33
CA CYS E 138 13.24 44.62 4.16
C CYS E 138 13.33 45.89 3.33
N ILE E 139 13.78 45.75 2.09
CA ILE E 139 13.90 46.89 1.19
C ILE E 139 12.53 47.18 0.59
N PRO E 140 12.01 48.40 0.73
CA PRO E 140 10.69 48.70 0.19
C PRO E 140 10.67 48.65 -1.34
N SER E 141 9.49 48.33 -1.87
CA SER E 141 9.25 48.26 -3.31
C SER E 141 10.22 47.33 -4.05
N SER E 142 10.67 46.27 -3.40
CA SER E 142 11.61 45.37 -4.08
C SER E 142 11.41 43.94 -3.58
N LYS E 143 12.03 43.02 -4.30
CA LYS E 143 11.95 41.59 -3.98
C LYS E 143 13.04 41.24 -2.98
N ASN E 144 12.65 40.95 -1.74
CA ASN E 144 13.57 40.58 -0.68
C ASN E 144 13.66 39.06 -0.56
N THR E 145 14.79 38.59 -0.02
CA THR E 145 15.03 37.17 0.17
C THR E 145 15.47 36.91 1.60
N CYS E 146 15.14 35.72 2.09
CA CYS E 146 15.47 35.32 3.44
C CYS E 146 15.52 33.80 3.51
N GLU E 147 16.35 33.28 4.41
CA GLU E 147 16.47 31.85 4.60
C GLU E 147 16.13 31.51 6.04
N HIS E 148 15.20 30.59 6.21
CA HIS E 148 14.77 30.15 7.54
C HIS E 148 15.27 28.73 7.77
N ILE E 149 15.82 28.50 8.95
CA ILE E 149 16.34 27.19 9.31
C ILE E 149 15.41 26.59 10.35
N TYR E 150 14.81 25.46 10.01
CA TYR E 150 13.87 24.76 10.88
C TYR E 150 14.59 23.58 11.55
N ASP E 151 14.68 23.62 12.88
CA ASP E 151 15.29 22.54 13.64
C ASP E 151 14.12 21.69 14.14
N PHE E 152 13.90 20.57 13.48
CA PHE E 152 12.79 19.70 13.86
C PHE E 152 13.04 19.07 15.23
N PRO E 153 12.02 19.01 16.08
CA PRO E 153 12.19 18.39 17.38
C PRO E 153 12.12 16.88 17.22
N PRO E 154 12.76 16.13 18.11
CA PRO E 154 12.69 14.67 18.00
C PRO E 154 11.24 14.21 18.10
N LEU E 155 10.88 13.23 17.27
CA LEU E 155 9.53 12.69 17.23
C LEU E 155 9.59 11.21 17.54
N SER E 156 8.78 10.76 18.49
CA SER E 156 8.75 9.36 18.85
C SER E 156 8.22 8.52 17.69
N GLU E 157 8.55 7.22 17.72
CA GLU E 157 8.09 6.33 16.65
C GLU E 157 6.57 6.24 16.64
N GLU E 158 5.95 6.21 17.83
CA GLU E 158 4.50 6.14 17.89
C GLU E 158 3.87 7.38 17.27
N LEU E 159 4.41 8.56 17.59
CA LEU E 159 3.87 9.80 17.03
C LEU E 159 4.06 9.83 15.52
N ILE E 160 5.24 9.41 15.04
CA ILE E 160 5.51 9.39 13.61
C ILE E 160 4.51 8.49 12.89
N SER E 161 4.26 7.31 13.46
CA SER E 161 3.29 6.39 12.85
C SER E 161 1.90 7.00 12.81
N GLU E 162 1.51 7.67 13.89
CA GLU E 162 0.19 8.29 13.93
C GLU E 162 0.05 9.40 12.90
N MET E 163 1.09 10.23 12.74
CA MET E 163 1.04 11.32 11.78
C MET E 163 0.93 10.79 10.35
N ILE E 164 1.61 9.69 10.06
CA ILE E 164 1.53 9.11 8.73
C ILE E 164 0.14 8.51 8.49
N ARG E 165 -0.41 7.84 9.50
CA ARG E 165 -1.73 7.23 9.39
C ARG E 165 -2.87 8.24 9.44
N HIS E 166 -2.62 9.49 9.80
CA HIS E 166 -3.67 10.51 9.89
C HIS E 166 -3.27 11.74 9.07
N PRO E 167 -3.33 11.65 7.75
CA PRO E 167 -2.97 12.80 6.92
C PRO E 167 -3.93 13.96 7.13
N TYR E 168 -3.43 15.16 6.87
CA TYR E 168 -4.13 16.44 6.99
C TYR E 168 -4.48 16.79 8.43
N GLU E 169 -4.16 15.93 9.40
CA GLU E 169 -4.42 16.24 10.79
C GLU E 169 -3.27 17.02 11.41
N THR E 170 -2.18 17.16 10.66
CA THR E 170 -1.03 17.95 11.04
C THR E 170 -1.26 19.29 10.37
N GLN E 171 -1.45 20.34 11.16
CA GLN E 171 -1.74 21.66 10.62
C GLN E 171 -0.82 22.70 11.24
N SER E 172 -0.63 23.79 10.50
CA SER E 172 0.22 24.86 10.96
C SER E 172 -0.43 26.22 10.74
N ASP E 173 -0.05 27.15 11.61
CA ASP E 173 -0.49 28.53 11.57
C ASP E 173 0.78 29.36 11.42
N SER E 174 0.84 30.16 10.36
CA SER E 174 1.99 31.03 10.12
C SER E 174 1.49 32.44 10.38
N PHE E 175 1.88 32.99 11.52
CA PHE E 175 1.49 34.34 11.93
C PHE E 175 2.61 35.30 11.55
N TYR E 176 2.29 36.31 10.74
CA TYR E 176 3.27 37.29 10.29
C TYR E 176 2.99 38.62 10.99
N PHE E 177 4.02 39.16 11.63
CA PHE E 177 3.91 40.41 12.37
C PHE E 177 4.85 41.48 11.85
N VAL E 178 4.35 42.71 11.84
CA VAL E 178 5.12 43.90 11.48
C VAL E 178 4.92 44.87 12.63
N ASP E 179 5.99 45.17 13.35
CA ASP E 179 5.93 46.07 14.50
C ASP E 179 4.88 45.60 15.50
N ASP E 180 4.96 44.32 15.87
CA ASP E 180 4.09 43.64 16.82
C ASP E 180 2.63 43.55 16.38
N ARG E 181 2.31 43.94 15.15
CA ARG E 181 0.94 43.89 14.65
C ARG E 181 0.81 42.76 13.65
N LEU E 182 -0.21 41.91 13.84
CA LEU E 182 -0.44 40.80 12.93
C LEU E 182 -0.95 41.36 11.61
N VAL E 183 -0.17 41.14 10.55
CA VAL E 183 -0.54 41.63 9.22
C VAL E 183 -0.91 40.52 8.26
N MET E 184 -0.48 39.29 8.51
CA MET E 184 -0.81 38.17 7.65
C MET E 184 -0.93 36.91 8.49
N HIS E 185 -1.77 36.00 8.03
CA HIS E 185 -1.97 34.72 8.72
C HIS E 185 -2.25 33.68 7.65
N ASN E 186 -1.32 32.75 7.48
CA ASN E 186 -1.45 31.66 6.53
C ASN E 186 -1.65 30.36 7.28
N LYS E 187 -2.25 29.39 6.59
CA LYS E 187 -2.53 28.08 7.15
C LYS E 187 -2.04 27.01 6.18
N ALA E 188 -1.76 25.84 6.72
CA ALA E 188 -1.29 24.75 5.89
C ALA E 188 -1.68 23.41 6.50
N ASP E 189 -1.87 22.43 5.63
CA ASP E 189 -2.19 21.06 5.99
C ASP E 189 -1.03 20.20 5.52
N TYR E 190 -0.73 19.15 6.27
CA TYR E 190 0.37 18.28 5.93
C TYR E 190 -0.08 16.83 5.86
N SER E 191 0.41 16.12 4.85
CA SER E 191 0.12 14.72 4.65
C SER E 191 1.46 14.01 4.53
N TYR E 192 1.57 12.87 5.20
CA TYR E 192 2.81 12.09 5.18
C TYR E 192 2.57 10.67 4.70
N SER E 193 1.49 10.45 3.95
CA SER E 193 1.14 9.12 3.43
C SER E 193 1.44 8.98 1.94
N GLY E 194 2.51 9.62 1.47
CA GLY E 194 2.89 9.56 0.07
C GLY E 194 4.01 8.54 -0.10
N THR E 195 3.97 7.82 -1.21
CA THR E 195 4.98 6.81 -1.49
C THR E 195 6.35 7.48 -1.61
N PRO E 196 7.35 7.08 -0.81
CA PRO E 196 8.69 7.67 -0.85
C PRO E 196 9.54 7.16 -2.01
N PRO F 15 2.08 -19.81 44.32
CA PRO F 15 0.84 -19.57 43.59
C PRO F 15 -0.05 -18.53 44.27
N ILE F 16 -0.42 -17.48 43.54
CA ILE F 16 -1.25 -16.40 44.05
C ILE F 16 -2.67 -16.59 43.53
N GLY F 17 -3.64 -16.57 44.44
CA GLY F 17 -5.03 -16.74 44.08
C GLY F 17 -5.81 -15.44 44.22
N PRO F 18 -7.07 -15.44 43.76
CA PRO F 18 -7.89 -14.23 43.87
C PRO F 18 -8.04 -13.71 45.28
N GLU F 19 -8.07 -14.60 46.28
CA GLU F 19 -8.21 -14.17 47.67
C GLU F 19 -7.00 -13.36 48.12
N ASP F 20 -5.83 -13.61 47.54
CA ASP F 20 -4.62 -12.90 47.92
C ASP F 20 -4.59 -11.44 47.45
N VAL F 21 -5.49 -11.04 46.56
CA VAL F 21 -5.51 -9.67 46.07
C VAL F 21 -6.83 -8.95 46.35
N LEU F 22 -7.91 -9.67 46.66
CA LEU F 22 -9.21 -9.03 46.89
C LEU F 22 -9.27 -8.19 48.16
N GLY F 23 -8.26 -8.24 49.01
CA GLY F 23 -8.29 -7.45 50.24
C GLY F 23 -7.13 -6.47 50.37
N LEU F 24 -6.30 -6.39 49.34
CA LEU F 24 -5.14 -5.50 49.37
C LEU F 24 -5.56 -4.05 49.51
N GLN F 25 -5.00 -3.36 50.49
CA GLN F 25 -5.30 -1.96 50.74
C GLN F 25 -4.22 -1.03 50.20
N ARG F 26 -3.26 -1.55 49.46
CA ARG F 26 -2.18 -0.74 48.90
C ARG F 26 -1.69 -1.36 47.60
N ILE F 27 -1.16 -0.49 46.73
CA ILE F 27 -0.60 -0.95 45.47
C ILE F 27 0.59 -1.85 45.78
N THR F 28 0.78 -2.89 44.98
CA THR F 28 1.90 -3.78 45.25
C THR F 28 3.23 -3.10 44.93
N GLY F 29 4.23 -3.36 45.77
CA GLY F 29 5.54 -2.77 45.54
C GLY F 29 6.20 -3.26 44.27
N ASP F 30 5.91 -4.50 43.87
CA ASP F 30 6.49 -5.08 42.67
C ASP F 30 5.48 -6.03 42.05
N TYR F 31 5.81 -6.53 40.86
CA TYR F 31 4.93 -7.47 40.18
C TYR F 31 4.89 -8.78 40.95
N LEU F 32 3.72 -9.38 41.02
CA LEU F 32 3.55 -10.64 41.73
C LEU F 32 3.82 -11.85 40.85
N CYS F 33 4.17 -11.64 39.58
CA CYS F 33 4.46 -12.75 38.67
C CYS F 33 5.32 -12.23 37.53
N SER F 34 6.19 -13.09 37.03
CA SER F 34 7.07 -12.74 35.93
C SER F 34 6.33 -12.89 34.60
N PRO F 35 6.85 -12.27 33.53
CA PRO F 35 6.17 -12.42 32.22
C PRO F 35 6.11 -13.85 31.75
N GLU F 36 7.04 -14.70 32.21
CA GLU F 36 7.05 -16.11 31.82
C GLU F 36 5.90 -16.91 32.42
N GLU F 37 5.33 -16.46 33.54
CA GLU F 37 4.23 -17.21 34.13
C GLU F 37 2.99 -17.18 33.24
N ASN F 38 2.96 -16.30 32.24
CA ASN F 38 1.85 -16.22 31.30
C ASN F 38 2.03 -17.38 30.32
N ILE F 39 1.85 -18.59 30.85
CA ILE F 39 2.01 -19.81 30.05
C ILE F 39 0.92 -19.98 29.01
N TYR F 40 -0.08 -19.10 28.97
CA TYR F 40 -1.17 -19.19 28.02
C TYR F 40 -0.97 -18.26 26.82
N LYS F 41 0.18 -17.60 26.74
CA LYS F 41 0.49 -16.68 25.64
C LYS F 41 -0.61 -15.64 25.43
N ILE F 42 -1.11 -15.08 26.53
CA ILE F 42 -2.14 -14.07 26.45
C ILE F 42 -1.47 -12.75 26.06
N ASP F 43 -1.98 -12.09 25.03
CA ASP F 43 -1.38 -10.84 24.57
C ASP F 43 -2.46 -9.88 24.11
N PHE F 44 -2.62 -8.77 24.84
CA PHE F 44 -3.60 -7.77 24.46
C PHE F 44 -3.06 -6.98 23.29
N VAL F 45 -3.88 -6.87 22.23
CA VAL F 45 -3.49 -6.14 21.03
C VAL F 45 -4.33 -4.90 20.80
N ARG F 46 -5.43 -4.75 21.52
CA ARG F 46 -6.29 -3.58 21.39
C ARG F 46 -6.87 -3.27 22.75
N PHE F 47 -7.03 -1.98 23.02
CA PHE F 47 -7.58 -1.52 24.30
C PHE F 47 -8.21 -0.16 24.04
N LYS F 48 -9.54 -0.11 24.06
CA LYS F 48 -10.26 1.13 23.81
C LYS F 48 -11.16 1.47 24.99
N ILE F 49 -11.04 2.70 25.47
CA ILE F 49 -11.83 3.20 26.59
C ILE F 49 -12.77 4.26 26.06
N ARG F 50 -14.06 4.12 26.37
CA ARG F 50 -15.04 5.09 25.90
C ARG F 50 -16.04 5.39 27.00
N ASP F 51 -16.60 6.59 26.94
CA ASP F 51 -17.60 7.03 27.91
C ASP F 51 -18.93 6.39 27.52
N MET F 52 -19.47 5.54 28.39
CA MET F 52 -20.73 4.87 28.08
C MET F 52 -21.88 5.84 27.92
N ASP F 53 -21.89 6.94 28.68
CA ASP F 53 -22.98 7.90 28.58
C ASP F 53 -22.93 8.72 27.29
N SER F 54 -21.74 8.98 26.75
CA SER F 54 -21.61 9.77 25.54
C SER F 54 -21.00 9.05 24.35
N GLY F 55 -20.36 7.90 24.54
CA GLY F 55 -19.74 7.18 23.45
C GLY F 55 -18.37 7.70 23.05
N THR F 56 -17.95 8.84 23.59
CA THR F 56 -16.66 9.42 23.26
C THR F 56 -15.51 8.50 23.66
N VAL F 57 -14.57 8.29 22.72
CA VAL F 57 -13.41 7.44 22.99
C VAL F 57 -12.41 8.24 23.81
N LEU F 58 -12.14 7.76 25.02
CA LEU F 58 -11.20 8.43 25.92
C LEU F 58 -9.76 8.01 25.70
N PHE F 59 -9.54 6.77 25.24
CA PHE F 59 -8.20 6.27 24.99
C PHE F 59 -8.31 5.03 24.11
N GLU F 60 -7.28 4.80 23.31
CA GLU F 60 -7.27 3.64 22.43
C GLU F 60 -5.84 3.35 22.00
N ILE F 61 -5.45 2.09 22.09
CA ILE F 61 -4.12 1.64 21.68
C ILE F 61 -4.29 0.38 20.84
N LYS F 62 -3.61 0.33 19.70
CA LYS F 62 -3.69 -0.81 18.80
C LYS F 62 -2.27 -1.17 18.37
N LYS F 63 -1.68 -2.15 19.06
CA LYS F 63 -0.32 -2.57 18.73
C LYS F 63 -0.16 -3.09 17.31
N PRO F 64 -1.04 -3.93 16.77
CA PRO F 64 -0.86 -4.40 15.37
C PRO F 64 -0.92 -3.25 14.39
N PRO F 65 -0.40 -3.44 13.16
CA PRO F 65 -0.44 -2.35 12.18
C PRO F 65 -1.77 -2.28 11.44
N ALA F 81 8.81 -5.13 29.20
CA ALA F 81 7.65 -5.45 28.39
C ALA F 81 6.56 -4.38 28.52
N GLY F 82 5.34 -4.75 28.15
CA GLY F 82 4.20 -3.84 28.24
C GLY F 82 3.41 -4.05 29.51
N ARG F 83 4.11 -4.36 30.60
CA ARG F 83 3.49 -4.59 31.90
C ARG F 83 3.20 -3.30 32.66
N PHE F 84 3.55 -2.15 32.10
CA PHE F 84 3.31 -0.88 32.77
C PHE F 84 2.89 0.16 31.74
N VAL F 85 1.83 0.89 32.06
CA VAL F 85 1.31 1.93 31.19
C VAL F 85 1.07 3.17 32.03
N ARG F 86 1.33 4.33 31.44
CA ARG F 86 1.14 5.62 32.11
C ARG F 86 0.04 6.33 31.34
N TYR F 87 -1.12 6.51 31.97
CA TYR F 87 -2.26 7.15 31.33
C TYR F 87 -2.31 8.63 31.65
N GLN F 88 -2.71 9.42 30.66
CA GLN F 88 -2.84 10.87 30.78
C GLN F 88 -4.27 11.20 30.36
N PHE F 89 -5.12 11.46 31.34
CA PHE F 89 -6.51 11.79 31.11
C PHE F 89 -6.75 13.26 31.41
N THR F 90 -7.91 13.67 31.19
CA THR F 90 -8.47 15.00 31.37
C THR F 90 -9.18 15.09 32.71
N PRO F 91 -9.28 16.30 33.29
CA PRO F 91 -10.02 16.41 34.55
C PRO F 91 -11.46 15.96 34.43
N ALA F 92 -12.03 16.00 33.23
CA ALA F 92 -13.40 15.55 33.03
C ALA F 92 -13.52 14.04 33.17
N PHE F 93 -12.40 13.31 33.10
CA PHE F 93 -12.43 11.86 33.25
C PHE F 93 -12.90 11.48 34.65
N LEU F 94 -12.49 12.26 35.66
CA LEU F 94 -12.86 11.98 37.04
C LEU F 94 -14.34 12.20 37.32
N ARG F 95 -15.09 12.84 36.42
CA ARG F 95 -16.51 13.09 36.62
C ARG F 95 -17.39 12.14 35.82
N LEU F 96 -16.81 11.10 35.22
CA LEU F 96 -17.57 10.14 34.45
C LEU F 96 -18.27 9.17 35.38
N ARG F 97 -19.40 8.65 34.92
CA ARG F 97 -20.17 7.70 35.73
C ARG F 97 -19.89 6.26 35.34
N GLN F 98 -19.91 5.95 34.04
CA GLN F 98 -19.67 4.60 33.56
C GLN F 98 -18.73 4.66 32.37
N VAL F 99 -17.76 3.75 32.36
CA VAL F 99 -16.76 3.66 31.31
C VAL F 99 -16.71 2.24 30.78
N GLY F 100 -16.66 2.09 29.46
CA GLY F 100 -16.60 0.80 28.82
C GLY F 100 -15.24 0.57 28.18
N ALA F 101 -14.55 -0.48 28.59
CA ALA F 101 -13.22 -0.81 28.07
C ALA F 101 -13.31 -2.09 27.24
N THR F 102 -12.89 -2.00 25.98
CA THR F 102 -12.91 -3.13 25.07
C THR F 102 -11.48 -3.65 24.93
N VAL F 103 -11.28 -4.92 25.25
CA VAL F 103 -9.97 -5.56 25.18
C VAL F 103 -10.00 -6.67 24.14
N GLU F 104 -9.02 -6.66 23.26
CA GLU F 104 -8.84 -7.67 22.23
C GLU F 104 -7.51 -8.34 22.55
N PHE F 105 -7.51 -9.67 22.63
CA PHE F 105 -6.28 -10.36 22.98
C PHE F 105 -6.21 -11.70 22.26
N THR F 106 -4.99 -12.16 22.04
CA THR F 106 -4.73 -13.43 21.41
C THR F 106 -4.41 -14.45 22.50
N VAL F 107 -4.64 -15.72 22.19
CA VAL F 107 -4.42 -16.80 23.13
C VAL F 107 -3.53 -17.85 22.48
N GLY F 108 -2.79 -18.59 23.31
CA GLY F 108 -1.91 -19.63 22.85
C GLY F 108 -2.66 -20.93 22.60
N ASP F 109 -1.88 -22.00 22.43
CA ASP F 109 -2.47 -23.31 22.17
C ASP F 109 -3.12 -23.91 23.41
N LYS F 110 -2.63 -23.58 24.60
CA LYS F 110 -3.22 -24.12 25.82
C LYS F 110 -4.59 -23.51 26.05
N PRO F 111 -5.61 -24.32 26.36
CA PRO F 111 -6.95 -23.75 26.60
C PRO F 111 -6.96 -22.92 27.87
N VAL F 112 -7.59 -21.76 27.79
CA VAL F 112 -7.70 -20.84 28.91
C VAL F 112 -9.09 -20.99 29.52
N ASN F 113 -9.16 -21.43 30.76
CA ASN F 113 -10.41 -21.63 31.46
C ASN F 113 -10.53 -20.68 32.64
N ASN F 114 -11.71 -20.08 32.79
CA ASN F 114 -12.02 -19.13 33.86
C ASN F 114 -11.03 -17.96 33.88
N PHE F 115 -10.94 -17.29 32.74
CA PHE F 115 -10.09 -16.11 32.65
C PHE F 115 -10.74 -15.00 33.46
N ARG F 116 -10.00 -14.44 34.41
CA ARG F 116 -10.54 -13.41 35.29
C ARG F 116 -9.52 -12.33 35.57
N MET F 117 -10.00 -11.10 35.74
CA MET F 117 -9.15 -9.95 36.03
C MET F 117 -9.68 -9.20 37.23
N ILE F 118 -8.79 -8.89 38.17
CA ILE F 118 -9.12 -8.10 39.36
C ILE F 118 -8.23 -6.87 39.27
N GLU F 119 -8.86 -5.71 39.09
CA GLU F 119 -8.16 -4.44 38.94
C GLU F 119 -8.50 -3.52 40.11
N ARG F 120 -7.49 -3.13 40.87
CA ARG F 120 -7.66 -2.28 42.03
C ARG F 120 -6.98 -0.93 41.81
N HIS F 121 -7.73 0.15 42.02
CA HIS F 121 -7.24 1.51 41.84
C HIS F 121 -7.07 2.19 43.19
N TYR F 122 -5.92 2.83 43.37
CA TYR F 122 -5.59 3.51 44.61
C TYR F 122 -5.07 4.92 44.34
N PHE F 123 -5.29 5.80 45.31
CA PHE F 123 -4.80 7.18 45.27
C PHE F 123 -4.02 7.35 46.56
N ARG F 124 -2.70 7.46 46.45
CA ARG F 124 -1.83 7.62 47.62
C ARG F 124 -2.08 6.51 48.65
N ASN F 125 -2.00 5.27 48.19
CA ASN F 125 -2.19 4.09 49.04
C ASN F 125 -3.57 4.04 49.70
N GLN F 126 -4.57 4.64 49.07
CA GLN F 126 -5.94 4.63 49.57
C GLN F 126 -6.79 3.97 48.50
N LEU F 127 -7.38 2.83 48.83
CA LEU F 127 -8.20 2.11 47.86
C LEU F 127 -9.37 2.96 47.43
N LEU F 128 -9.56 3.07 46.11
CA LEU F 128 -10.69 3.82 45.57
C LEU F 128 -11.78 2.89 45.08
N LYS F 129 -11.41 1.87 44.30
CA LYS F 129 -12.40 0.93 43.79
C LYS F 129 -11.67 -0.26 43.19
N SER F 130 -12.24 -1.45 43.39
CA SER F 130 -11.71 -2.69 42.85
C SER F 130 -12.74 -3.24 41.88
N PHE F 131 -12.28 -3.66 40.70
CA PHE F 131 -13.15 -4.20 39.66
C PHE F 131 -12.83 -5.67 39.46
N ASP F 132 -13.87 -6.51 39.51
CA ASP F 132 -13.74 -7.97 39.36
C ASP F 132 -14.47 -8.38 38.08
N PHE F 133 -13.71 -8.56 37.00
CA PHE F 133 -14.27 -8.95 35.71
C PHE F 133 -13.98 -10.40 35.40
N HIS F 134 -14.99 -11.14 34.99
CA HIS F 134 -14.87 -12.54 34.61
C HIS F 134 -14.99 -12.60 33.09
N PHE F 135 -13.93 -13.04 32.43
CA PHE F 135 -13.98 -13.14 30.97
C PHE F 135 -14.88 -14.28 30.54
N GLY F 136 -15.36 -14.19 29.30
CA GLY F 136 -16.19 -15.23 28.73
C GLY F 136 -15.29 -16.36 28.32
N PHE F 137 -15.81 -17.24 27.48
CA PHE F 137 -14.99 -18.35 27.02
C PHE F 137 -13.91 -17.85 26.09
N CYS F 138 -12.69 -18.36 26.24
CA CYS F 138 -11.55 -17.94 25.44
C CYS F 138 -11.21 -19.00 24.39
N ILE F 139 -11.22 -18.59 23.13
CA ILE F 139 -10.91 -19.48 22.02
C ILE F 139 -9.39 -19.60 21.90
N PRO F 140 -8.82 -20.79 22.09
CA PRO F 140 -7.36 -20.93 22.00
C PRO F 140 -6.86 -20.67 20.59
N SER F 141 -5.61 -20.19 20.51
CA SER F 141 -4.95 -19.88 19.25
C SER F 141 -5.84 -19.00 18.37
N SER F 142 -6.40 -17.96 18.98
CA SER F 142 -7.29 -17.06 18.25
C SER F 142 -7.31 -15.71 18.95
N LYS F 143 -7.86 -14.73 18.25
CA LYS F 143 -7.98 -13.37 18.76
C LYS F 143 -9.34 -13.24 19.42
N ASN F 144 -9.34 -13.07 20.73
CA ASN F 144 -10.56 -12.92 21.51
C ASN F 144 -10.87 -11.44 21.72
N THR F 145 -12.07 -11.18 22.22
CA THR F 145 -12.51 -9.82 22.47
C THR F 145 -13.45 -9.81 23.67
N CYS F 146 -13.37 -8.76 24.47
CA CYS F 146 -14.21 -8.63 25.64
C CYS F 146 -14.39 -7.16 25.96
N GLU F 147 -15.54 -6.82 26.52
CA GLU F 147 -15.86 -5.45 26.92
C GLU F 147 -16.09 -5.41 28.42
N HIS F 148 -15.38 -4.52 29.10
CA HIS F 148 -15.51 -4.36 30.54
C HIS F 148 -16.26 -3.06 30.82
N ILE F 149 -17.20 -3.12 31.75
CA ILE F 149 -17.99 -1.96 32.14
C ILE F 149 -17.53 -1.54 33.53
N TYR F 150 -17.00 -0.33 33.63
CA TYR F 150 -16.51 0.21 34.90
C TYR F 150 -17.51 1.24 35.41
N ASP F 151 -18.08 0.98 36.58
CA ASP F 151 -19.01 1.90 37.21
C ASP F 151 -18.21 2.75 38.19
N PHE F 152 -17.96 4.00 37.81
CA PHE F 152 -17.18 4.90 38.67
C PHE F 152 -18.00 5.29 39.88
N PRO F 153 -17.46 5.16 41.09
CA PRO F 153 -18.20 5.57 42.28
C PRO F 153 -18.26 7.10 42.35
N PRO F 154 -19.25 7.66 43.04
CA PRO F 154 -19.33 9.12 43.13
C PRO F 154 -18.14 9.69 43.89
N LEU F 155 -17.28 10.44 43.20
CA LEU F 155 -16.10 11.02 43.81
C LEU F 155 -16.39 12.41 44.37
N SER F 156 -15.88 12.67 45.57
CA SER F 156 -16.05 13.96 46.21
C SER F 156 -15.20 15.00 45.52
N GLU F 157 -15.59 16.28 45.68
CA GLU F 157 -14.81 17.35 45.07
C GLU F 157 -13.41 17.43 45.68
N GLU F 158 -13.27 17.10 46.96
CA GLU F 158 -11.96 17.14 47.60
C GLU F 158 -11.02 16.10 46.98
N LEU F 159 -11.53 14.89 46.75
CA LEU F 159 -10.70 13.84 46.17
C LEU F 159 -10.32 14.18 44.72
N ILE F 160 -11.28 14.67 43.94
CA ILE F 160 -11.02 15.02 42.55
C ILE F 160 -9.93 16.08 42.45
N SER F 161 -9.95 17.08 43.34
CA SER F 161 -8.92 18.11 43.31
C SER F 161 -7.54 17.54 43.62
N GLU F 162 -7.45 16.67 44.62
CA GLU F 162 -6.16 16.09 44.98
C GLU F 162 -5.64 15.18 43.86
N MET F 163 -6.54 14.41 43.24
CA MET F 163 -6.12 13.52 42.16
C MET F 163 -5.58 14.31 40.98
N ILE F 164 -6.23 15.44 40.66
CA ILE F 164 -5.75 16.26 39.55
C ILE F 164 -4.42 16.91 39.92
N ARG F 165 -4.29 17.33 41.19
CA ARG F 165 -3.09 18.00 41.69
C ARG F 165 -1.91 17.07 41.91
N HIS F 166 -2.11 15.76 42.00
CA HIS F 166 -1.03 14.81 42.25
C HIS F 166 -1.02 13.72 41.18
N PRO F 167 -0.62 14.08 39.97
CA PRO F 167 -0.60 13.08 38.88
C PRO F 167 0.35 11.94 39.18
N TYR F 168 0.00 10.76 38.65
CA TYR F 168 0.74 9.51 38.75
C TYR F 168 0.69 8.91 40.14
N GLU F 169 0.03 9.56 41.10
CA GLU F 169 -0.13 9.00 42.43
C GLU F 169 -1.38 8.14 42.50
N THR F 170 -2.18 8.16 41.43
CA THR F 170 -3.34 7.30 41.29
C THR F 170 -2.78 6.10 40.53
N GLN F 171 -2.76 4.94 41.19
CA GLN F 171 -2.17 3.76 40.58
C GLN F 171 -3.13 2.59 40.60
N SER F 172 -2.88 1.64 39.70
CA SER F 172 -3.72 0.47 39.61
C SER F 172 -2.88 -0.78 39.37
N ASP F 173 -3.42 -1.89 39.86
CA ASP F 173 -2.86 -3.23 39.73
C ASP F 173 -3.89 -4.03 38.96
N SER F 174 -3.47 -4.70 37.90
CA SER F 174 -4.37 -5.54 37.10
C SER F 174 -3.89 -6.97 37.23
N PHE F 175 -4.55 -7.74 38.11
CA PHE F 175 -4.21 -9.14 38.34
C PHE F 175 -5.08 -10.04 37.46
N TYR F 176 -4.45 -10.85 36.61
CA TYR F 176 -5.15 -11.76 35.72
C TYR F 176 -4.98 -13.18 36.22
N PHE F 177 -6.08 -13.90 36.34
CA PHE F 177 -6.08 -15.27 36.83
C PHE F 177 -6.68 -16.24 35.82
N VAL F 178 -6.06 -17.41 35.71
CA VAL F 178 -6.52 -18.50 34.87
C VAL F 178 -6.68 -19.67 35.83
N ASP F 179 -7.92 -20.09 36.05
CA ASP F 179 -8.24 -21.18 36.98
C ASP F 179 -7.73 -20.86 38.39
N ASP F 180 -8.04 -19.64 38.84
CA ASP F 180 -7.68 -19.13 40.17
C ASP F 180 -6.17 -19.05 40.39
N ARG F 181 -5.38 -19.06 39.32
CA ARG F 181 -3.92 -18.96 39.41
C ARG F 181 -3.47 -17.71 38.67
N LEU F 182 -2.70 -16.86 39.35
CA LEU F 182 -2.20 -15.64 38.74
C LEU F 182 -1.20 -15.98 37.63
N VAL F 183 -1.40 -15.39 36.45
CA VAL F 183 -0.53 -15.65 35.31
C VAL F 183 -0.10 -14.34 34.64
N MET F 184 -0.71 -13.23 35.04
CA MET F 184 -0.38 -11.94 34.47
C MET F 184 -0.66 -10.85 35.50
N HIS F 185 0.18 -9.81 35.48
CA HIS F 185 0.04 -8.70 36.40
C HIS F 185 0.55 -7.46 35.70
N ASN F 186 -0.35 -6.51 35.46
CA ASN F 186 0.00 -5.25 34.82
C ASN F 186 -0.23 -4.13 35.81
N LYS F 187 0.55 -3.05 35.65
CA LYS F 187 0.45 -1.90 36.52
C LYS F 187 0.29 -0.65 35.69
N ALA F 188 -0.28 0.37 36.30
CA ALA F 188 -0.48 1.63 35.60
C ALA F 188 -0.65 2.74 36.62
N ASP F 189 -0.30 3.96 36.20
CA ASP F 189 -0.49 5.14 37.02
C ASP F 189 -1.21 6.14 36.13
N TYR F 190 -1.95 7.05 36.74
CA TYR F 190 -2.76 7.97 35.97
C TYR F 190 -2.54 9.43 36.33
N SER F 191 -2.77 10.28 35.34
CA SER F 191 -2.69 11.72 35.44
C SER F 191 -4.03 12.26 34.98
N TYR F 192 -4.57 13.23 35.71
CA TYR F 192 -5.85 13.80 35.36
C TYR F 192 -5.74 15.32 35.16
N SER F 193 -4.57 15.78 34.74
CA SER F 193 -4.32 17.19 34.49
C SER F 193 -4.06 17.49 33.02
N GLY F 194 -4.28 16.51 32.15
CA GLY F 194 -4.06 16.73 30.73
C GLY F 194 -5.05 17.73 30.15
N THR F 195 -4.64 18.33 29.04
CA THR F 195 -5.49 19.32 28.38
C THR F 195 -5.94 18.82 27.01
C1 NT6 G . 4.25 6.11 -25.83
C2 NT6 G . 4.04 6.89 -24.71
N NT6 G . 2.46 7.40 -22.86
C NT6 G . 3.28 5.21 -26.23
O NT6 G . 4.23 8.77 -22.50
C10 NT6 G . 3.46 9.07 -19.78
C11 NT6 G . 1.71 8.48 -18.08
C12 NT6 G . 0.70 8.24 -19.20
C13 NT6 G . -0.04 9.54 -19.51
C14 NT6 G . 1.43 7.76 -20.45
C15 NT6 G . 2.09 5.14 -25.52
C3 NT6 G . 2.82 6.73 -24.03
C4 NT6 G . 3.15 8.33 -22.16
C5 NT6 G . 2.45 8.83 -20.91
C6 NT6 G . 1.70 10.14 -21.20
C7 NT6 G . 0.97 10.61 -19.94
C8 NT6 G . 1.99 10.85 -18.82
C9 NT6 G . 2.72 9.55 -18.52
N1 NT6 G . 1.86 5.89 -24.43
CL NT6 G . 3.55 4.13 -27.56
CL1 NT6 G . 5.72 6.30 -26.72
C1 GOL H . 14.09 -6.47 -29.76
O1 GOL H . 13.44 -5.76 -30.77
C2 GOL H . 14.68 -5.43 -28.79
O2 GOL H . 13.70 -4.60 -28.25
C3 GOL H . 15.42 -6.28 -27.71
O3 GOL H . 15.42 -5.55 -26.52
C1 GOL I . 7.16 0.54 -26.04
O1 GOL I . 6.51 -0.18 -25.03
C2 GOL I . 7.80 1.77 -25.36
O2 GOL I . 6.96 2.87 -25.35
C3 GOL I . 9.11 2.02 -26.14
O3 GOL I . 10.15 1.38 -25.44
C1 NT6 J . -17.86 -18.55 -28.00
C2 NT6 J . -17.36 -19.01 -26.80
N NT6 J . -17.67 -20.71 -25.00
C NT6 J . -18.96 -19.16 -28.57
O NT6 J . -16.01 -19.37 -24.23
C10 NT6 J . -15.00 -21.59 -22.71
C11 NT6 J . -15.48 -23.91 -21.93
C12 NT6 J . -16.96 -23.70 -22.19
C13 NT6 J . -17.63 -23.15 -20.93
C14 NT6 J . -17.14 -22.71 -23.35
C15 NT6 J . -19.55 -20.23 -27.91
C3 NT6 J . -18.01 -20.10 -26.21
C4 NT6 J . -16.69 -20.37 -24.13
C5 NT6 J . -16.50 -21.35 -22.98
C6 NT6 J . -17.17 -20.81 -21.71
C7 NT6 J . -16.98 -21.81 -20.56
C8 NT6 J . -15.49 -22.03 -20.30
C9 NT6 J . -14.82 -22.59 -21.56
N1 NT6 J . -19.08 -20.69 -26.75
CL NT6 J . -19.62 -18.62 -30.08
CL1 NT6 J . -17.08 -17.22 -28.80
C1 NT6 K . -14.70 3.17 -3.62
C2 NT6 K . -14.75 1.83 -3.33
N NT6 K . -13.60 -0.04 -2.17
C NT6 K . -13.65 3.94 -3.15
O NT6 K . -15.31 -1.06 -3.26
C10 NT6 K . -15.47 -2.93 -1.06
C11 NT6 K . -14.32 -3.69 1.03
C12 NT6 K . -13.00 -3.08 0.52
C13 NT6 K . -12.24 -4.14 -0.28
C14 NT6 K . -13.31 -1.88 -0.36
C15 NT6 K . -12.67 3.33 -2.40
C3 NT6 K . -13.71 1.29 -2.57
C4 NT6 K . -14.42 -1.09 -2.43
C5 NT6 K . -14.16 -2.32 -1.57
C6 NT6 K . -13.39 -3.39 -2.37
C7 NT6 K . -13.08 -4.59 -1.46
C8 NT6 K . -14.39 -5.19 -0.95
C9 NT6 K . -15.17 -4.14 -0.15
N1 NT6 K . -12.69 2.02 -2.11
CL NT6 K . -13.54 5.63 -3.50
CL1 NT6 K . -15.99 3.89 -4.53
C1 NT6 L . 29.85 -18.53 16.75
C2 NT6 L . 29.02 -18.92 17.77
N NT6 L . 28.61 -18.76 20.22
C NT6 L . 30.94 -17.74 17.00
O NT6 L . 27.08 -20.26 19.45
C10 NT6 L . 25.38 -19.54 21.66
C11 NT6 L . 25.27 -18.27 23.80
C12 NT6 L . 26.78 -18.31 23.91
C13 NT6 L . 27.22 -19.56 24.68
C14 NT6 L . 27.40 -18.33 22.51
C15 NT6 L . 31.19 -17.34 18.29
C3 NT6 L . 29.33 -18.46 19.06
C4 NT6 L . 27.53 -19.57 20.36
C5 NT6 L . 26.92 -19.58 21.74
C6 NT6 L . 27.34 -20.84 22.52
C7 NT6 L . 26.73 -20.80 23.94
C8 NT6 L . 25.21 -20.77 23.82
C9 NT6 L . 24.77 -19.51 23.06
N1 NT6 L . 30.40 -17.68 19.32
CL NT6 L . 32.01 -17.23 15.73
CL1 NT6 L . 29.47 -19.04 15.12
C1 NT6 M . 7.45 22.81 6.11
C2 NT6 M . 7.16 21.93 7.13
N NT6 M . 7.75 21.24 9.45
C NT6 M . 8.44 23.76 6.28
O NT6 M . 6.10 19.81 8.84
C10 NT6 M . 5.65 19.50 11.72
C11 NT6 M . 6.73 19.77 13.97
C12 NT6 M . 8.11 19.84 13.30
C13 NT6 M . 8.70 18.43 13.18
C14 NT6 M . 7.96 20.45 11.90
C15 NT6 M . 9.12 23.80 7.49
C3 NT6 M . 7.90 22.04 8.32
C4 NT6 M . 6.91 20.22 9.66
C5 NT6 M . 7.03 19.58 11.04
C6 NT6 M . 7.62 18.16 10.95
C7 NT6 M . 7.77 17.56 12.35
C8 NT6 M . 6.39 17.49 13.02
C9 NT6 M . 5.80 18.89 13.14
N1 NT6 M . 8.86 22.96 8.49
CL NT6 M . 8.86 24.87 5.02
CL1 NT6 M . 6.53 22.72 4.64
C1 GOL N . 3.96 28.10 4.40
O1 GOL N . 2.60 27.85 4.59
C2 GOL N . 4.68 27.58 5.67
O2 GOL N . 5.97 28.11 5.79
C3 GOL N . 4.69 26.04 5.52
O3 GOL N . 5.59 25.55 6.47
C1 NT6 O . -8.95 2.63 33.37
C2 NT6 O . -9.15 3.49 34.43
N NT6 O . -10.83 4.23 36.13
C NT6 O . -9.95 1.79 32.94
O NT6 O . -9.08 5.66 36.45
C10 NT6 O . -9.70 5.72 39.24
C11 NT6 O . -11.35 4.96 40.97
C12 NT6 O . -12.42 4.80 39.90
C13 NT6 O . -13.19 6.11 39.74
C14 NT6 O . -11.75 4.45 38.57
C15 NT6 O . -11.17 1.83 33.60
C3 NT6 O . -10.42 3.47 35.03
C4 NT6 O . -10.14 5.17 36.82
C5 NT6 O . -10.77 5.56 38.15
C6 NT6 O . -11.56 6.88 38.01
C7 NT6 O . -12.23 7.23 39.35
C8 NT6 O . -11.15 7.39 40.43
C9 NT6 O . -10.39 6.08 40.57
N1 NT6 O . -11.40 2.65 34.63
CL NT6 O . -9.73 0.68 31.64
CL1 NT6 O . -7.40 2.63 32.58
#